data_4YYE
#
_entry.id   4YYE
#
_cell.length_a   69.021
_cell.length_b   77.228
_cell.length_c   86.157
_cell.angle_alpha   63.86
_cell.angle_beta   75.04
_cell.angle_gamma   89.39
#
_symmetry.space_group_name_H-M   'P 1'
#
loop_
_entity.id
_entity.type
_entity.pdbx_description
1 polymer 'Threonine--tRNA ligase, mitochondrial'
2 polymer tRNA
3 non-polymer 'ZINC ION'
4 non-polymer "5'-O-(N-(L-THREONYL)-SULFAMOYL)ADENOSINE"
5 non-polymer 'SULFATE ION'
6 water water
#
loop_
_entity_poly.entity_id
_entity_poly.type
_entity_poly.pdbx_seq_one_letter_code
_entity_poly.pdbx_strand_id
1 'polypeptide(L)'
;MGSSHHHHHHSSGLVPRGSHMASATKNASSATPATMTSMVSQRQDLFMTDPLSPGSMFFLPNGAKIFNKLIEFMKLQQKF
KFGFNEVVTPLIYKKTLWEKSGHWENYADDMFKVETTDEEKEEYGLKPMNCPGHCLIFGKKDRSYNELPLRFSDFSPLHR
NEASGALSGLTRLRKFHQDDGHIFCTPSQVKSEIFNSLKLIDIVYNKIFPFVKGGSGAESNYFINFSTRPDHFIGDLKVW
NHAEQVLKEILEESGKPWKLNPGDGAFYGPKLDIMVTDHLRKTHQVATIQLDFQLPERFDLKFKDQDNSYKRPIMIHRAT
FGSIERFMALLIDSNEGRWPFWLNPYQAVIIPVNTKNVQQLDMCTALQKKLRNELEADDMEPVPLNDWHFNVDLDIRNEP
VGYRIKSAILKNYSYLIIVGDEEVQLQKYNIRERDNRKSFEKLTMSQIWEKFIELEKNYK
;
A,B
2 'polyribonucleotide' GUUAUAUUAGCUUAAUUGGUAGAGCAUUCGUUUUGUAAUCGAAAGGUUUGGGGUUCAAAUCCCUAAUAUAACACCA C,D
#
loop_
_chem_comp.id
_chem_comp.type
_chem_comp.name
_chem_comp.formula
A RNA linking ADENOSINE-5'-MONOPHOSPHATE 'C10 H14 N5 O7 P'
C RNA linking CYTIDINE-5'-MONOPHOSPHATE 'C9 H14 N3 O8 P'
G RNA linking GUANOSINE-5'-MONOPHOSPHATE 'C10 H14 N5 O8 P'
SO4 non-polymer 'SULFATE ION' 'O4 S -2'
TSB non-polymer 5'-O-(N-(L-THREONYL)-SULFAMOYL)ADENOSINE 'C14 H21 N7 O8 S'
U RNA linking URIDINE-5'-MONOPHOSPHATE 'C9 H13 N2 O9 P'
ZN non-polymer 'ZINC ION' 'Zn 2'
#
# COMPACT_ATOMS: atom_id res chain seq x y z
N ALA A 34 -4.38 2.75 -25.29
CA ALA A 34 -3.36 3.79 -25.21
C ALA A 34 -3.89 5.17 -25.62
N THR A 35 -4.43 5.29 -26.84
CA THR A 35 -5.10 6.52 -27.25
C THR A 35 -6.41 6.69 -26.45
N MET A 36 -7.09 5.57 -26.21
CA MET A 36 -8.29 5.55 -25.38
C MET A 36 -7.94 5.87 -23.93
N THR A 37 -6.89 5.21 -23.44
CA THR A 37 -6.37 5.48 -22.12
C THR A 37 -6.10 6.97 -21.89
N SER A 38 -5.44 7.61 -22.85
CA SER A 38 -5.10 9.02 -22.74
C SER A 38 -6.32 9.95 -22.76
N MET A 39 -7.37 9.59 -23.49
CA MET A 39 -8.58 10.41 -23.50
C MET A 39 -9.31 10.34 -22.16
N VAL A 40 -9.50 9.13 -21.66
CA VAL A 40 -10.13 8.95 -20.36
C VAL A 40 -9.30 9.62 -19.26
N SER A 41 -7.98 9.55 -19.39
CA SER A 41 -7.08 10.07 -18.36
C SER A 41 -7.14 11.58 -18.32
N GLN A 42 -7.21 12.19 -19.50
CA GLN A 42 -7.38 13.63 -19.60
C GLN A 42 -8.74 14.07 -19.06
N ARG A 43 -9.79 13.33 -19.39
CA ARG A 43 -11.12 13.71 -18.93
C ARG A 43 -11.26 13.59 -17.41
N GLN A 44 -10.62 12.57 -16.83
CA GLN A 44 -10.83 12.23 -15.43
C GLN A 44 -9.64 12.56 -14.52
N ASP A 45 -8.57 13.14 -15.09
CA ASP A 45 -7.34 13.47 -14.35
C ASP A 45 -6.74 12.23 -13.70
N LEU A 46 -6.49 11.21 -14.50
CA LEU A 46 -6.08 9.94 -13.94
C LEU A 46 -4.57 9.86 -13.78
N PHE A 47 -3.84 10.16 -14.85
CA PHE A 47 -2.40 9.94 -14.91
C PHE A 47 -1.62 11.10 -15.53
N MET A 48 -0.30 11.07 -15.36
CA MET A 48 0.58 11.88 -16.19
C MET A 48 1.93 11.18 -16.37
N THR A 49 2.64 11.60 -17.41
CA THR A 49 3.96 11.09 -17.72
C THR A 49 4.90 12.28 -17.90
N ASP A 50 6.20 12.02 -17.84
CA ASP A 50 7.18 13.07 -18.02
C ASP A 50 8.51 12.50 -18.53
N PRO A 51 9.16 13.21 -19.46
CA PRO A 51 10.43 12.76 -20.06
C PRO A 51 11.55 12.66 -19.03
N LEU A 52 11.38 13.29 -17.88
CA LEU A 52 12.38 13.18 -16.82
C LEU A 52 12.33 11.80 -16.13
N SER A 53 11.33 10.99 -16.47
CA SER A 53 11.24 9.61 -16.02
C SER A 53 10.46 8.73 -17.00
N PRO A 54 11.07 8.43 -18.14
CA PRO A 54 10.40 7.67 -19.20
C PRO A 54 9.90 6.30 -18.71
N GLY A 55 8.63 6.01 -18.97
CA GLY A 55 8.08 4.70 -18.69
C GLY A 55 7.67 4.50 -17.24
N SER A 56 7.76 5.54 -16.42
CA SER A 56 7.19 5.49 -15.07
C SER A 56 5.95 6.36 -15.04
N MET A 57 4.85 5.83 -14.52
CA MET A 57 3.62 6.61 -14.41
C MET A 57 3.62 7.53 -13.17
N PHE A 58 2.99 8.69 -13.31
CA PHE A 58 2.43 9.39 -12.17
C PHE A 58 0.94 9.09 -12.05
N PHE A 59 0.51 8.46 -10.96
CA PHE A 59 -0.90 8.41 -10.64
C PHE A 59 -1.34 9.68 -9.91
N LEU A 60 -2.06 10.56 -10.62
CA LEU A 60 -2.76 11.69 -10.02
C LEU A 60 -3.82 11.17 -9.06
N PRO A 61 -4.36 12.04 -8.18
CA PRO A 61 -5.26 11.60 -7.10
C PRO A 61 -6.39 10.66 -7.53
N ASN A 62 -7.03 10.93 -8.67
CA ASN A 62 -8.09 10.05 -9.16
C ASN A 62 -7.52 8.74 -9.71
N GLY A 63 -6.37 8.78 -10.37
CA GLY A 63 -5.68 7.58 -10.79
C GLY A 63 -5.30 6.69 -9.62
N ALA A 64 -4.77 7.31 -8.57
CA ALA A 64 -4.36 6.59 -7.37
C ALA A 64 -5.55 6.03 -6.60
N LYS A 65 -6.70 6.69 -6.68
CA LYS A 65 -7.91 6.18 -6.04
C LYS A 65 -8.23 4.81 -6.61
N ILE A 66 -8.21 4.72 -7.93
CA ILE A 66 -8.48 3.46 -8.62
C ILE A 66 -7.42 2.41 -8.32
N PHE A 67 -6.18 2.77 -8.54
CA PHE A 67 -5.02 1.95 -8.20
C PHE A 67 -5.15 1.32 -6.80
N ASN A 68 -5.52 2.13 -5.82
CA ASN A 68 -5.57 1.68 -4.43
C ASN A 68 -6.74 0.75 -4.15
N LYS A 69 -7.89 1.08 -4.72
CA LYS A 69 -9.07 0.25 -4.60
C LYS A 69 -8.81 -1.17 -5.14
N LEU A 70 -8.14 -1.26 -6.27
CA LEU A 70 -7.84 -2.58 -6.86
C LEU A 70 -6.92 -3.35 -5.95
N ILE A 71 -5.95 -2.66 -5.38
CA ILE A 71 -5.02 -3.32 -4.48
C ILE A 71 -5.74 -3.77 -3.20
N GLU A 72 -6.55 -2.89 -2.62
CA GLU A 72 -7.42 -3.25 -1.52
C GLU A 72 -8.29 -4.47 -1.83
N PHE A 73 -8.92 -4.47 -3.00
CA PHE A 73 -9.68 -5.66 -3.42
C PHE A 73 -8.79 -6.90 -3.45
N MET A 74 -7.62 -6.82 -4.09
CA MET A 74 -6.80 -8.02 -4.27
C MET A 74 -6.25 -8.55 -2.95
N LYS A 75 -5.91 -7.62 -2.05
CA LYS A 75 -5.37 -7.99 -0.75
C LYS A 75 -6.40 -8.73 0.08
N LEU A 76 -7.65 -8.28 0.02
CA LEU A 76 -8.73 -8.94 0.73
C LEU A 76 -8.85 -10.39 0.26
N GLN A 77 -8.88 -10.61 -1.05
CA GLN A 77 -9.03 -11.99 -1.57
C GLN A 77 -7.82 -12.84 -1.19
N GLN A 78 -6.63 -12.26 -1.27
CA GLN A 78 -5.39 -12.99 -1.00
C GLN A 78 -5.22 -13.34 0.48
N LYS A 79 -5.42 -12.37 1.38
CA LYS A 79 -5.23 -12.65 2.80
C LYS A 79 -6.37 -13.49 3.35
N PHE A 80 -7.61 -13.12 3.04
CA PHE A 80 -8.75 -13.70 3.74
C PHE A 80 -9.51 -14.82 2.98
N LYS A 81 -8.98 -15.27 1.85
CA LYS A 81 -9.63 -16.35 1.12
C LYS A 81 -8.60 -17.35 0.58
N PHE A 82 -7.47 -16.87 0.07
CA PHE A 82 -6.55 -17.80 -0.54
C PHE A 82 -5.26 -18.00 0.24
N GLY A 83 -5.29 -17.65 1.53
CA GLY A 83 -4.18 -17.96 2.42
C GLY A 83 -2.81 -17.39 2.11
N PHE A 84 -2.76 -16.13 1.67
CA PHE A 84 -1.49 -15.47 1.41
C PHE A 84 -1.03 -14.57 2.56
N ASN A 85 0.28 -14.34 2.63
CA ASN A 85 0.87 -13.53 3.66
C ASN A 85 1.76 -12.46 3.00
N GLU A 86 1.35 -11.20 3.06
CA GLU A 86 2.11 -10.13 2.44
C GLU A 86 3.48 -9.86 3.10
N VAL A 87 4.53 -9.73 2.29
CA VAL A 87 5.84 -9.24 2.75
C VAL A 87 6.22 -7.92 2.08
N VAL A 88 7.22 -7.26 2.64
CA VAL A 88 7.72 -6.00 2.09
C VAL A 88 9.22 -6.20 2.01
N THR A 89 9.76 -6.15 0.79
CA THR A 89 11.13 -6.56 0.53
C THR A 89 12.00 -5.41 0.03
N PRO A 90 13.33 -5.54 0.13
CA PRO A 90 14.22 -4.53 -0.45
C PRO A 90 13.97 -4.33 -1.94
N LEU A 91 14.32 -3.16 -2.45
CA LEU A 91 14.27 -2.93 -3.89
C LEU A 91 15.64 -3.17 -4.57
N ILE A 92 16.74 -2.88 -3.89
CA ILE A 92 18.05 -3.11 -4.50
C ILE A 92 18.81 -4.27 -3.84
N TYR A 93 19.53 -5.03 -4.63
CA TYR A 93 20.28 -6.18 -4.13
C TYR A 93 21.65 -6.19 -4.78
N LYS A 94 22.67 -6.63 -4.05
CA LYS A 94 23.99 -6.69 -4.63
C LYS A 94 24.02 -7.66 -5.83
N LYS A 95 24.87 -7.33 -6.81
CA LYS A 95 25.11 -8.17 -7.98
C LYS A 95 25.17 -9.67 -7.68
N THR A 96 25.84 -10.05 -6.60
CA THR A 96 25.94 -11.46 -6.20
C THR A 96 24.60 -12.19 -6.15
N LEU A 97 23.56 -11.52 -5.68
CA LEU A 97 22.26 -12.15 -5.57
C LEU A 97 21.72 -12.51 -6.95
N TRP A 98 21.81 -11.56 -7.87
CA TRP A 98 21.28 -11.75 -9.21
C TRP A 98 22.08 -12.78 -9.95
N GLU A 99 23.38 -12.85 -9.67
CA GLU A 99 24.21 -13.90 -10.27
C GLU A 99 23.72 -15.26 -9.80
N LYS A 100 23.38 -15.35 -8.52
CA LYS A 100 22.90 -16.61 -7.96
C LYS A 100 21.58 -17.03 -8.61
N SER A 101 20.67 -16.08 -8.79
CA SER A 101 19.34 -16.42 -9.24
C SER A 101 19.35 -16.74 -10.73
N GLY A 102 20.25 -16.11 -11.47
CA GLY A 102 20.38 -16.33 -12.89
C GLY A 102 19.93 -15.13 -13.70
N HIS A 103 19.33 -14.14 -13.04
CA HIS A 103 18.81 -12.96 -13.74
C HIS A 103 19.95 -12.13 -14.34
N TRP A 104 21.06 -12.00 -13.62
CA TRP A 104 22.12 -11.06 -14.03
C TRP A 104 22.59 -11.47 -15.41
N GLU A 105 22.38 -12.75 -15.66
CA GLU A 105 22.64 -13.46 -16.90
C GLU A 105 21.53 -13.25 -17.91
N ASN A 106 20.41 -13.81 -17.59
CA ASN A 106 19.22 -13.76 -18.43
C ASN A 106 18.89 -12.35 -18.89
N TYR A 107 18.66 -11.46 -17.92
CA TYR A 107 18.33 -10.07 -18.23
C TYR A 107 19.44 -9.14 -17.77
N ALA A 108 20.52 -9.07 -18.55
CA ALA A 108 21.65 -8.21 -18.23
C ALA A 108 21.39 -6.77 -18.66
N ASP A 109 20.87 -6.60 -19.87
CA ASP A 109 20.57 -5.28 -20.40
C ASP A 109 19.25 -4.75 -19.86
N ASP A 110 18.31 -5.66 -19.62
CA ASP A 110 17.04 -5.29 -19.11
C ASP A 110 17.02 -4.98 -17.64
N MET A 111 18.17 -4.76 -17.02
CA MET A 111 18.17 -4.56 -15.57
C MET A 111 18.78 -3.17 -15.38
N PHE A 112 18.14 -2.34 -14.56
CA PHE A 112 18.78 -1.10 -14.12
C PHE A 112 19.84 -1.41 -13.06
N LYS A 113 21.00 -0.76 -13.18
CA LYS A 113 22.07 -0.99 -12.22
C LYS A 113 22.21 0.20 -11.29
N VAL A 114 22.53 -0.07 -10.03
CA VAL A 114 22.62 0.96 -9.00
C VAL A 114 24.07 1.06 -8.51
N GLU A 115 24.55 2.28 -8.38
CA GLU A 115 25.92 2.52 -7.94
C GLU A 115 25.95 3.54 -6.83
N THR A 116 27.04 3.50 -6.07
CA THR A 116 27.33 4.55 -5.12
C THR A 116 28.50 5.39 -5.65
N THR A 117 28.73 6.54 -5.04
CA THR A 117 29.88 7.39 -5.37
C THR A 117 31.21 6.64 -5.23
N ASP A 118 31.24 5.63 -4.35
CA ASP A 118 32.46 4.85 -4.19
C ASP A 118 32.57 3.71 -5.20
N GLU A 119 33.57 3.83 -6.07
CA GLU A 119 33.77 2.89 -7.16
C GLU A 119 34.31 1.52 -6.70
N GLU A 120 34.70 1.41 -5.43
CA GLU A 120 35.23 0.16 -4.89
C GLU A 120 34.14 -0.87 -4.56
N LYS A 121 33.04 -0.40 -3.97
CA LYS A 121 31.94 -1.28 -3.56
C LYS A 121 31.33 -2.08 -4.71
N GLU A 122 30.74 -3.22 -4.38
CA GLU A 122 30.05 -4.05 -5.37
C GLU A 122 28.80 -3.33 -5.90
N GLU A 123 28.51 -3.52 -7.18
CA GLU A 123 27.36 -2.89 -7.83
C GLU A 123 26.03 -3.52 -7.39
N TYR A 124 24.94 -2.77 -7.49
CA TYR A 124 23.61 -3.27 -7.17
C TYR A 124 22.72 -3.41 -8.42
N GLY A 125 21.68 -4.23 -8.30
CA GLY A 125 20.65 -4.30 -9.31
C GLY A 125 19.32 -3.85 -8.73
N LEU A 126 18.60 -3.01 -9.48
CA LEU A 126 17.26 -2.60 -9.06
C LEU A 126 16.31 -3.68 -9.56
N LYS A 127 15.45 -4.19 -8.70
CA LYS A 127 14.80 -5.47 -9.01
C LYS A 127 13.72 -5.40 -10.11
N PRO A 128 13.73 -6.39 -11.00
CA PRO A 128 12.70 -6.57 -12.02
C PRO A 128 11.72 -7.67 -11.63
N MET A 129 12.02 -8.45 -10.60
CA MET A 129 11.19 -9.55 -10.09
C MET A 129 11.32 -9.65 -8.56
N ASN A 130 10.29 -10.15 -7.89
CA ASN A 130 10.38 -10.34 -6.45
C ASN A 130 10.92 -11.70 -6.04
N CYS A 131 11.01 -12.62 -6.99
CA CYS A 131 11.24 -13.99 -6.50
C CYS A 131 12.62 -14.22 -5.79
N PRO A 132 13.77 -13.67 -6.21
CA PRO A 132 14.98 -14.00 -5.43
C PRO A 132 14.88 -13.49 -4.00
N GLY A 133 14.20 -12.37 -3.77
CA GLY A 133 13.97 -11.86 -2.44
C GLY A 133 13.13 -12.83 -1.60
N HIS A 134 12.10 -13.40 -2.21
CA HIS A 134 11.27 -14.35 -1.45
C HIS A 134 12.04 -15.67 -1.18
N CYS A 135 13.01 -15.99 -2.04
CA CYS A 135 13.90 -17.12 -1.77
C CYS A 135 14.81 -16.86 -0.57
N LEU A 136 15.28 -15.62 -0.43
CA LEU A 136 16.09 -15.21 0.72
C LEU A 136 15.30 -15.36 2.01
N ILE A 137 14.07 -14.88 2.00
CA ILE A 137 13.14 -15.07 3.11
C ILE A 137 12.94 -16.54 3.44
N PHE A 138 12.63 -17.36 2.45
CA PHE A 138 12.38 -18.79 2.73
C PHE A 138 13.56 -19.41 3.47
N GLY A 139 14.76 -19.13 2.98
CA GLY A 139 15.95 -19.88 3.36
C GLY A 139 16.75 -19.27 4.49
N LYS A 140 16.22 -18.20 5.09
CA LYS A 140 16.88 -17.52 6.19
C LYS A 140 16.71 -18.28 7.52
N LYS A 141 15.65 -19.06 7.63
CA LYS A 141 15.43 -19.88 8.81
C LYS A 141 14.99 -21.31 8.45
N ASP A 142 15.12 -22.23 9.39
CA ASP A 142 14.78 -23.63 9.15
C ASP A 142 13.27 -23.77 8.99
N ARG A 143 12.87 -24.51 7.97
CA ARG A 143 11.45 -24.60 7.65
C ARG A 143 10.96 -26.01 7.89
N SER A 144 9.70 -26.12 8.31
CA SER A 144 9.10 -27.42 8.55
C SER A 144 7.97 -27.66 7.56
N TYR A 145 7.76 -28.92 7.15
CA TYR A 145 6.71 -29.25 6.19
C TYR A 145 5.35 -28.73 6.68
N ASN A 146 5.22 -28.58 7.99
CA ASN A 146 3.99 -28.10 8.60
C ASN A 146 3.61 -26.67 8.23
N GLU A 147 4.55 -25.88 7.71
CA GLU A 147 4.19 -24.54 7.30
C GLU A 147 4.00 -24.41 5.77
N LEU A 148 4.06 -25.54 5.05
CA LEU A 148 3.76 -25.56 3.62
C LEU A 148 2.32 -25.95 3.33
N PRO A 149 1.71 -25.43 2.25
CA PRO A 149 2.25 -24.38 1.37
C PRO A 149 2.42 -23.05 2.08
N LEU A 150 3.59 -22.45 1.88
CA LEU A 150 3.92 -21.16 2.45
C LEU A 150 3.75 -20.13 1.35
N ARG A 151 2.78 -19.24 1.52
CA ARG A 151 2.40 -18.33 0.45
C ARG A 151 2.75 -16.88 0.78
N PHE A 152 3.56 -16.25 -0.06
CA PHE A 152 4.00 -14.86 0.17
C PHE A 152 3.44 -13.97 -0.93
N SER A 153 2.82 -12.86 -0.56
CA SER A 153 2.42 -11.87 -1.56
C SER A 153 3.26 -10.61 -1.38
N ASP A 154 3.30 -9.79 -2.42
CA ASP A 154 4.28 -8.70 -2.50
C ASP A 154 3.82 -7.71 -3.56
N PHE A 155 3.69 -6.43 -3.20
CA PHE A 155 3.21 -5.42 -4.16
C PHE A 155 4.26 -4.38 -4.50
N SER A 156 5.53 -4.77 -4.35
CA SER A 156 6.67 -3.92 -4.66
C SER A 156 6.65 -3.39 -6.07
N PRO A 157 7.12 -2.13 -6.25
CA PRO A 157 7.40 -1.63 -7.60
C PRO A 157 8.59 -2.39 -8.22
N LEU A 158 8.43 -2.80 -9.47
CA LEU A 158 9.46 -3.49 -10.22
C LEU A 158 9.96 -2.61 -11.37
N HIS A 159 11.24 -2.71 -11.71
CA HIS A 159 11.82 -1.93 -12.80
C HIS A 159 12.43 -2.86 -13.83
N ARG A 160 12.09 -2.62 -15.08
CA ARG A 160 12.68 -3.33 -16.22
C ARG A 160 13.01 -2.31 -17.31
N ASN A 161 14.26 -2.31 -17.76
CA ASN A 161 14.72 -1.37 -18.76
C ASN A 161 14.28 -1.87 -20.13
N GLU A 162 12.97 -1.89 -20.34
CA GLU A 162 12.41 -2.30 -21.61
C GLU A 162 12.94 -1.42 -22.75
N ALA A 163 13.15 -2.02 -23.91
CA ALA A 163 13.41 -1.27 -25.15
C ALA A 163 12.43 -0.11 -25.28
N SER A 164 12.94 1.09 -25.54
CA SER A 164 12.12 2.28 -25.74
C SER A 164 11.02 2.11 -26.78
N GLY A 165 11.33 1.40 -27.87
CA GLY A 165 10.35 1.18 -28.91
C GLY A 165 9.25 0.20 -28.53
N ALA A 166 9.40 -0.49 -27.40
CA ALA A 166 8.40 -1.47 -26.97
C ALA A 166 7.44 -0.90 -25.93
N LEU A 167 7.78 0.26 -25.39
CA LEU A 167 6.96 0.92 -24.39
C LEU A 167 5.64 1.33 -25.00
N SER A 168 4.57 1.31 -24.21
CA SER A 168 3.25 1.65 -24.71
C SER A 168 2.32 2.00 -23.56
N GLY A 169 1.91 3.27 -23.49
CA GLY A 169 0.99 3.75 -22.47
C GLY A 169 1.18 3.09 -21.11
N LEU A 170 0.15 2.41 -20.63
CA LEU A 170 0.22 1.68 -19.37
C LEU A 170 0.37 0.17 -19.55
N THR A 171 0.29 -0.32 -20.78
CA THR A 171 0.39 -1.76 -20.98
C THR A 171 1.84 -2.25 -20.86
N ARG A 172 2.81 -1.44 -21.29
CA ARG A 172 4.20 -1.84 -21.19
C ARG A 172 5.09 -0.70 -20.66
N LEU A 173 5.47 -0.80 -19.39
CA LEU A 173 6.14 0.30 -18.70
C LEU A 173 7.55 -0.06 -18.26
N ARG A 174 8.27 0.94 -17.75
CA ARG A 174 9.59 0.67 -17.15
C ARG A 174 9.46 0.42 -15.66
N LYS A 175 8.51 1.11 -15.04
CA LYS A 175 8.20 0.84 -13.64
C LYS A 175 6.74 0.43 -13.50
N PHE A 176 6.50 -0.68 -12.80
CA PHE A 176 5.12 -1.14 -12.62
C PHE A 176 4.94 -1.94 -11.32
N HIS A 177 3.69 -2.20 -10.94
CA HIS A 177 3.42 -2.96 -9.70
C HIS A 177 2.67 -4.25 -9.97
N GLN A 178 3.32 -5.38 -9.64
CA GLN A 178 2.70 -6.70 -9.70
C GLN A 178 1.92 -7.01 -8.45
N ASP A 179 0.76 -7.63 -8.60
CA ASP A 179 0.16 -8.34 -7.48
C ASP A 179 0.83 -9.70 -7.42
N ASP A 180 2.08 -9.69 -6.95
CA ASP A 180 2.95 -10.84 -7.05
C ASP A 180 2.78 -11.77 -5.86
N GLY A 181 2.98 -13.06 -6.10
CA GLY A 181 3.03 -14.05 -5.04
C GLY A 181 3.87 -15.26 -5.42
N HIS A 182 4.51 -15.87 -4.44
CA HIS A 182 5.18 -17.14 -4.65
C HIS A 182 4.76 -18.14 -3.59
N ILE A 183 4.54 -19.36 -4.05
CA ILE A 183 4.14 -20.42 -3.16
C ILE A 183 5.25 -21.42 -3.06
N PHE A 184 5.59 -21.81 -1.84
CA PHE A 184 6.54 -22.89 -1.63
C PHE A 184 5.74 -24.09 -1.16
N CYS A 185 5.92 -25.23 -1.82
CA CYS A 185 5.10 -26.40 -1.52
C CYS A 185 5.77 -27.71 -1.93
N THR A 186 5.06 -28.81 -1.69
CA THR A 186 5.56 -30.15 -1.94
C THR A 186 4.97 -30.65 -3.25
N PRO A 187 5.53 -31.74 -3.81
CA PRO A 187 5.00 -32.26 -5.07
C PRO A 187 3.50 -32.57 -5.03
N SER A 188 3.04 -33.09 -3.91
CA SER A 188 1.64 -33.49 -3.78
C SER A 188 0.69 -32.29 -3.60
N GLN A 189 1.26 -31.12 -3.37
CA GLN A 189 0.47 -29.91 -3.19
C GLN A 189 0.34 -29.08 -4.48
N VAL A 190 1.24 -29.29 -5.44
CA VAL A 190 1.35 -28.41 -6.59
C VAL A 190 0.05 -28.21 -7.36
N LYS A 191 -0.70 -29.29 -7.57
CA LYS A 191 -1.89 -29.21 -8.40
C LYS A 191 -2.99 -28.41 -7.72
N SER A 192 -3.24 -28.66 -6.43
CA SER A 192 -4.31 -27.91 -5.76
C SER A 192 -3.92 -26.45 -5.66
N GLU A 193 -2.63 -26.17 -5.48
CA GLU A 193 -2.20 -24.77 -5.37
C GLU A 193 -2.43 -24.03 -6.70
N ILE A 194 -2.17 -24.68 -7.81
CA ILE A 194 -2.43 -24.04 -9.10
C ILE A 194 -3.93 -23.93 -9.37
N PHE A 195 -4.70 -24.93 -8.97
CA PHE A 195 -6.17 -24.85 -9.12
C PHE A 195 -6.74 -23.71 -8.26
N ASN A 196 -6.18 -23.50 -7.07
CA ASN A 196 -6.59 -22.37 -6.25
C ASN A 196 -6.28 -21.07 -6.96
N SER A 197 -5.09 -20.98 -7.55
CA SER A 197 -4.68 -19.80 -8.30
C SER A 197 -5.61 -19.49 -9.48
N LEU A 198 -6.11 -20.54 -10.14
CA LEU A 198 -7.03 -20.38 -11.27
C LEU A 198 -8.44 -20.03 -10.79
N LYS A 199 -8.78 -20.43 -9.57
CA LYS A 199 -10.04 -20.04 -8.97
C LYS A 199 -10.07 -18.52 -8.81
N LEU A 200 -8.97 -17.96 -8.29
CA LEU A 200 -8.87 -16.52 -8.07
C LEU A 200 -8.89 -15.79 -9.41
N ILE A 201 -8.27 -16.38 -10.43
CA ILE A 201 -8.30 -15.82 -11.79
C ILE A 201 -9.73 -15.81 -12.33
N ASP A 202 -10.48 -16.89 -12.10
CA ASP A 202 -11.88 -16.96 -12.56
C ASP A 202 -12.77 -15.93 -11.85
N ILE A 203 -12.50 -15.69 -10.57
CA ILE A 203 -13.21 -14.65 -9.83
C ILE A 203 -12.93 -13.26 -10.39
N VAL A 204 -11.67 -12.98 -10.71
CA VAL A 204 -11.37 -11.68 -11.28
C VAL A 204 -11.91 -11.52 -12.73
N TYR A 205 -11.53 -12.42 -13.63
CA TYR A 205 -11.83 -12.23 -15.06
C TYR A 205 -13.22 -12.70 -15.52
N ASN A 206 -13.87 -13.58 -14.75
CA ASN A 206 -15.21 -14.05 -15.13
C ASN A 206 -16.34 -13.47 -14.29
N LYS A 207 -16.07 -13.12 -13.04
CA LYS A 207 -17.11 -12.65 -12.12
C LYS A 207 -17.07 -11.14 -11.82
N ILE A 208 -15.95 -10.63 -11.31
CA ILE A 208 -15.91 -9.23 -10.86
C ILE A 208 -15.63 -8.25 -12.00
N PHE A 209 -14.68 -8.60 -12.87
CA PHE A 209 -14.33 -7.75 -14.00
C PHE A 209 -14.62 -8.46 -15.32
N PRO A 210 -15.92 -8.89 -15.51
CA PRO A 210 -16.16 -9.57 -16.80
C PRO A 210 -15.71 -8.71 -17.97
N SER A 220 -14.33 -17.93 -21.98
CA SER A 220 -14.89 -16.84 -22.79
C SER A 220 -14.07 -15.56 -22.64
N ASN A 221 -13.78 -15.17 -21.39
CA ASN A 221 -13.10 -13.91 -21.14
C ASN A 221 -11.59 -13.99 -21.33
N TYR A 222 -11.06 -15.20 -21.30
CA TYR A 222 -9.62 -15.38 -21.54
C TYR A 222 -9.35 -16.76 -22.09
N PHE A 223 -8.16 -16.93 -22.66
CA PHE A 223 -7.65 -18.27 -22.92
C PHE A 223 -6.22 -18.35 -22.38
N ILE A 224 -5.73 -19.57 -22.20
CA ILE A 224 -4.41 -19.80 -21.66
C ILE A 224 -3.36 -20.17 -22.71
N ASN A 225 -2.26 -19.44 -22.68
CA ASN A 225 -1.06 -19.82 -23.41
C ASN A 225 -0.22 -20.75 -22.55
N PHE A 226 0.01 -21.96 -23.04
CA PHE A 226 0.93 -22.90 -22.41
C PHE A 226 2.31 -22.63 -23.01
N SER A 227 3.16 -21.95 -22.25
CA SER A 227 4.44 -21.45 -22.76
C SER A 227 5.61 -22.30 -22.29
N THR A 228 6.27 -22.97 -23.24
CA THR A 228 7.26 -24.01 -22.93
C THR A 228 8.70 -23.50 -22.91
N ARG A 229 9.64 -24.43 -22.70
CA ARG A 229 11.06 -24.13 -22.52
C ARG A 229 11.66 -23.22 -23.59
N PRO A 230 12.21 -22.07 -23.18
CA PRO A 230 12.89 -21.14 -24.08
C PRO A 230 14.26 -21.66 -24.51
N ASP A 231 14.87 -20.98 -25.48
CA ASP A 231 16.18 -21.52 -25.85
C ASP A 231 17.20 -21.18 -24.78
N HIS A 232 17.15 -20.06 -24.07
CA HIS A 232 17.98 -19.85 -22.88
C HIS A 232 17.25 -20.19 -21.58
N PHE A 233 17.64 -21.32 -20.99
CA PHE A 233 16.99 -21.81 -19.78
C PHE A 233 18.04 -22.28 -18.77
N ILE A 234 17.68 -22.35 -17.50
CA ILE A 234 18.57 -22.99 -16.55
C ILE A 234 18.01 -24.35 -16.14
N GLY A 235 18.92 -25.29 -15.84
CA GLY A 235 18.55 -26.58 -15.27
C GLY A 235 18.56 -27.73 -16.24
N ASP A 236 18.19 -28.93 -15.75
CA ASP A 236 18.23 -30.16 -16.54
C ASP A 236 16.99 -30.33 -17.39
N LEU A 237 17.18 -30.83 -18.59
CA LEU A 237 16.08 -31.08 -19.50
C LEU A 237 15.06 -32.07 -18.91
N LYS A 238 15.51 -32.98 -18.06
CA LYS A 238 14.61 -33.96 -17.46
C LYS A 238 13.65 -33.29 -16.46
N VAL A 239 14.18 -32.38 -15.65
CA VAL A 239 13.33 -31.64 -14.71
C VAL A 239 12.33 -30.76 -15.48
N TRP A 240 12.83 -30.03 -16.49
CA TRP A 240 11.96 -29.23 -17.33
C TRP A 240 10.81 -30.05 -17.93
N ASN A 241 11.13 -31.26 -18.40
CA ASN A 241 10.12 -32.11 -19.03
C ASN A 241 9.04 -32.51 -18.03
N HIS A 242 9.45 -32.90 -16.82
CA HIS A 242 8.51 -33.18 -15.74
C HIS A 242 7.65 -31.97 -15.39
N ALA A 243 8.25 -30.78 -15.35
CA ALA A 243 7.50 -29.55 -15.05
C ALA A 243 6.44 -29.25 -16.12
N GLU A 244 6.78 -29.50 -17.37
CA GLU A 244 5.80 -29.32 -18.43
C GLU A 244 4.68 -30.36 -18.34
N GLN A 245 5.04 -31.56 -17.90
CA GLN A 245 4.06 -32.63 -17.76
C GLN A 245 2.97 -32.24 -16.77
N VAL A 246 3.36 -31.62 -15.66
CA VAL A 246 2.40 -31.22 -14.63
C VAL A 246 1.42 -30.20 -15.19
N LEU A 247 1.92 -29.17 -15.86
CA LEU A 247 1.04 -28.13 -16.38
C LEU A 247 0.10 -28.68 -17.45
N LYS A 248 0.56 -29.65 -18.22
CA LYS A 248 -0.30 -30.28 -19.24
C LYS A 248 -1.50 -30.99 -18.63
N GLU A 249 -1.29 -31.69 -17.52
CA GLU A 249 -2.36 -32.44 -16.90
CA GLU A 249 -2.40 -32.45 -17.00
C GLU A 249 -3.35 -31.51 -16.21
N ILE A 250 -2.84 -30.42 -15.64
CA ILE A 250 -3.65 -29.37 -15.03
C ILE A 250 -4.55 -28.72 -16.08
N LEU A 251 -3.98 -28.41 -17.23
CA LEU A 251 -4.75 -27.88 -18.34
C LEU A 251 -5.90 -28.80 -18.73
N GLU A 252 -5.61 -30.10 -18.85
CA GLU A 252 -6.63 -31.06 -19.22
C GLU A 252 -7.74 -31.14 -18.17
N GLU A 253 -7.37 -31.26 -16.90
CA GLU A 253 -8.36 -31.37 -15.83
C GLU A 253 -9.18 -30.09 -15.66
N SER A 254 -8.58 -28.92 -15.90
CA SER A 254 -9.27 -27.65 -15.68
C SER A 254 -10.42 -27.45 -16.67
N GLY A 255 -10.34 -28.11 -17.82
CA GLY A 255 -11.36 -27.96 -18.87
C GLY A 255 -11.23 -26.67 -19.68
N LYS A 256 -10.31 -25.78 -19.30
CA LYS A 256 -10.24 -24.43 -19.89
C LYS A 256 -9.59 -24.40 -21.27
N PRO A 257 -9.98 -23.44 -22.12
CA PRO A 257 -9.41 -23.30 -23.46
C PRO A 257 -7.92 -22.97 -23.41
N TRP A 258 -7.11 -23.66 -24.20
CA TRP A 258 -5.69 -23.36 -24.16
C TRP A 258 -4.98 -23.67 -25.45
N LYS A 259 -3.80 -23.09 -25.57
CA LYS A 259 -3.04 -23.12 -26.80
C LYS A 259 -1.56 -23.25 -26.45
N LEU A 260 -0.83 -24.08 -27.21
CA LEU A 260 0.62 -24.17 -27.05
C LEU A 260 1.30 -22.90 -27.58
N ASN A 261 2.19 -22.35 -26.78
CA ASN A 261 2.97 -21.15 -27.11
C ASN A 261 4.47 -21.51 -26.97
N PRO A 262 5.05 -22.14 -28.00
CA PRO A 262 6.38 -22.78 -27.93
C PRO A 262 7.54 -21.84 -27.58
N GLY A 263 8.40 -22.27 -26.67
CA GLY A 263 9.64 -21.57 -26.40
C GLY A 263 9.53 -20.21 -25.72
N ASP A 264 8.33 -19.86 -25.28
CA ASP A 264 8.12 -18.57 -24.63
C ASP A 264 7.98 -18.69 -23.08
N GLY A 265 8.49 -19.79 -22.51
CA GLY A 265 8.50 -19.94 -21.06
C GLY A 265 9.49 -19.02 -20.37
N ALA A 266 9.48 -19.01 -19.04
CA ALA A 266 10.49 -18.27 -18.30
C ALA A 266 11.77 -19.08 -18.28
N PHE A 267 12.93 -18.43 -18.11
CA PHE A 267 14.19 -19.15 -18.13
C PHE A 267 14.29 -20.16 -16.96
N TYR A 268 13.44 -20.00 -15.94
CA TYR A 268 13.42 -20.91 -14.79
C TYR A 268 12.24 -21.89 -14.80
N GLY A 269 11.29 -21.72 -15.71
CA GLY A 269 10.12 -22.59 -15.72
C GLY A 269 9.08 -22.39 -16.79
N PRO A 270 8.30 -23.44 -17.06
CA PRO A 270 7.22 -23.30 -18.03
C PRO A 270 6.06 -22.54 -17.39
N LYS A 271 5.17 -21.94 -18.17
CA LYS A 271 4.07 -21.23 -17.54
C LYS A 271 2.73 -21.32 -18.24
N LEU A 272 1.70 -21.03 -17.47
CA LEU A 272 0.39 -20.76 -18.00
C LEU A 272 0.22 -19.26 -18.06
N ASP A 273 0.08 -18.73 -19.27
CA ASP A 273 -0.09 -17.29 -19.46
C ASP A 273 -1.52 -16.97 -19.83
N ILE A 274 -2.18 -16.16 -19.01
CA ILE A 274 -3.58 -15.84 -19.26
C ILE A 274 -3.68 -14.63 -20.20
N MET A 275 -4.41 -14.85 -21.30
CA MET A 275 -4.45 -13.93 -22.43
C MET A 275 -5.81 -13.27 -22.61
N VAL A 276 -5.80 -11.95 -22.61
CA VAL A 276 -7.02 -11.18 -22.78
C VAL A 276 -6.92 -10.44 -24.10
N THR A 277 -8.07 -10.25 -24.75
CA THR A 277 -8.14 -9.59 -26.05
C THR A 277 -8.75 -8.19 -25.97
N ASP A 278 -8.04 -7.17 -26.47
CA ASP A 278 -8.57 -5.81 -26.44
C ASP A 278 -9.46 -5.55 -27.65
N HIS A 279 -10.10 -4.39 -27.73
CA HIS A 279 -11.11 -4.15 -28.77
C HIS A 279 -10.55 -4.11 -30.19
N LEU A 280 -9.23 -4.13 -30.34
CA LEU A 280 -8.61 -4.23 -31.66
C LEU A 280 -8.15 -5.67 -31.97
N ARG A 281 -8.73 -6.63 -31.26
CA ARG A 281 -8.41 -8.05 -31.39
C ARG A 281 -6.98 -8.44 -30.99
N LYS A 282 -6.24 -7.48 -30.44
CA LYS A 282 -4.88 -7.73 -29.93
C LYS A 282 -4.91 -8.49 -28.59
N THR A 283 -4.03 -9.48 -28.41
CA THR A 283 -3.99 -10.21 -27.13
C THR A 283 -2.96 -9.61 -26.18
N HIS A 284 -3.21 -9.79 -24.88
CA HIS A 284 -2.36 -9.24 -23.83
C HIS A 284 -2.23 -10.21 -22.66
N GLN A 285 -0.99 -10.47 -22.27
CA GLN A 285 -0.76 -11.37 -21.15
C GLN A 285 -0.92 -10.59 -19.85
N VAL A 286 -1.79 -11.08 -18.97
CA VAL A 286 -2.03 -10.47 -17.68
C VAL A 286 -1.73 -11.38 -16.50
N ALA A 287 -2.64 -12.29 -16.14
CA ALA A 287 -2.38 -13.26 -15.07
C ALA A 287 -1.40 -14.31 -15.58
N THR A 288 -0.73 -14.99 -14.66
CA THR A 288 0.29 -15.93 -15.05
C THR A 288 0.60 -16.85 -13.87
N ILE A 289 0.81 -18.13 -14.18
CA ILE A 289 1.15 -19.13 -13.20
C ILE A 289 2.37 -19.87 -13.73
N GLN A 290 3.43 -19.93 -12.93
CA GLN A 290 4.71 -20.42 -13.42
C GLN A 290 5.24 -21.48 -12.48
N LEU A 291 5.71 -22.59 -13.04
CA LEU A 291 6.10 -23.74 -12.23
C LEU A 291 7.61 -23.88 -12.22
N ASP A 292 8.19 -23.66 -11.05
CA ASP A 292 9.61 -23.40 -10.90
C ASP A 292 10.32 -24.45 -10.05
N PHE A 293 11.12 -25.29 -10.69
CA PHE A 293 11.95 -26.26 -9.97
C PHE A 293 13.38 -25.77 -9.91
N GLN A 294 13.65 -24.67 -10.60
CA GLN A 294 15.03 -24.24 -10.80
C GLN A 294 15.57 -23.28 -9.72
N LEU A 295 14.83 -22.24 -9.38
CA LEU A 295 15.29 -21.31 -8.35
C LEU A 295 15.44 -21.97 -6.98
N PRO A 296 14.53 -22.90 -6.62
CA PRO A 296 14.81 -23.54 -5.32
C PRO A 296 16.14 -24.30 -5.34
N GLU A 297 16.58 -24.70 -6.52
CA GLU A 297 17.84 -25.40 -6.65
C GLU A 297 19.01 -24.41 -6.57
N ARG A 298 18.87 -23.26 -7.22
CA ARG A 298 19.91 -22.22 -7.18
C ARG A 298 20.15 -21.67 -5.76
N PHE A 299 19.13 -21.68 -4.93
CA PHE A 299 19.22 -21.12 -3.58
C PHE A 299 19.38 -22.19 -2.51
N ASP A 300 19.46 -23.45 -2.94
CA ASP A 300 19.56 -24.58 -2.01
C ASP A 300 18.50 -24.52 -0.90
N LEU A 301 17.25 -24.29 -1.30
CA LEU A 301 16.14 -24.24 -0.37
C LEU A 301 15.79 -25.62 0.21
N LYS A 302 15.52 -25.67 1.51
CA LYS A 302 15.28 -26.92 2.22
C LYS A 302 14.14 -26.78 3.21
N PHE A 303 13.30 -27.80 3.31
CA PHE A 303 12.42 -27.93 4.46
C PHE A 303 12.57 -29.33 5.01
N LYS A 304 12.19 -29.49 6.26
CA LYS A 304 12.27 -30.75 6.98
C LYS A 304 10.89 -31.43 6.95
N ASP A 305 10.79 -32.67 6.48
CA ASP A 305 9.47 -33.28 6.45
C ASP A 305 9.29 -34.19 7.65
N GLN A 306 8.20 -34.96 7.65
CA GLN A 306 7.80 -35.70 8.84
C GLN A 306 8.77 -36.85 9.14
N ASP A 307 9.55 -37.28 8.14
CA ASP A 307 10.51 -38.36 8.37
CA ASP A 307 10.52 -38.36 8.36
C ASP A 307 11.86 -37.79 8.84
N ASN A 308 11.84 -36.55 9.32
CA ASN A 308 13.01 -35.86 9.91
C ASN A 308 14.20 -35.68 8.96
N SER A 309 13.89 -35.49 7.67
CA SER A 309 14.90 -35.30 6.64
C SER A 309 14.54 -34.13 5.69
N TYR A 310 15.54 -33.65 4.95
CA TYR A 310 15.42 -32.39 4.25
C TYR A 310 14.96 -32.59 2.83
N LYS A 311 13.93 -31.85 2.42
CA LYS A 311 13.44 -31.88 1.05
C LYS A 311 13.50 -30.50 0.41
N ARG A 312 13.46 -30.48 -0.91
CA ARG A 312 13.48 -29.23 -1.64
CA ARG A 312 13.49 -29.24 -1.67
C ARG A 312 12.06 -28.81 -1.99
N PRO A 313 11.69 -27.56 -1.66
CA PRO A 313 10.35 -27.12 -2.04
C PRO A 313 10.22 -26.88 -3.55
N ILE A 314 9.00 -26.98 -4.05
CA ILE A 314 8.68 -26.52 -5.39
C ILE A 314 8.14 -25.09 -5.27
N MET A 315 8.47 -24.26 -6.24
CA MET A 315 8.04 -22.87 -6.18
C MET A 315 7.06 -22.51 -7.30
N ILE A 316 5.91 -21.94 -6.93
CA ILE A 316 4.97 -21.46 -7.94
C ILE A 316 4.93 -19.94 -7.95
N HIS A 317 5.27 -19.34 -9.09
CA HIS A 317 5.08 -17.89 -9.32
C HIS A 317 3.67 -17.63 -9.79
N ARG A 318 3.06 -16.52 -9.35
CA ARG A 318 1.70 -16.22 -9.76
C ARG A 318 1.29 -14.77 -9.58
N ALA A 319 0.54 -14.25 -10.54
CA ALA A 319 -0.05 -12.91 -10.46
C ALA A 319 -1.43 -12.97 -11.09
N THR A 320 -2.38 -12.22 -10.57
CA THR A 320 -3.74 -12.31 -11.09
C THR A 320 -4.11 -11.11 -11.97
N PHE A 321 -3.83 -9.90 -11.49
CA PHE A 321 -3.91 -8.71 -12.32
C PHE A 321 -2.80 -8.73 -13.37
N GLY A 322 -1.69 -9.39 -13.06
CA GLY A 322 -0.50 -9.29 -13.90
C GLY A 322 0.33 -8.14 -13.36
N SER A 323 0.15 -6.94 -13.90
CA SER A 323 0.55 -5.73 -13.17
C SER A 323 -0.70 -4.88 -12.97
N ILE A 324 -0.74 -4.04 -11.92
CA ILE A 324 -1.93 -3.22 -11.72
C ILE A 324 -2.07 -2.24 -12.88
N GLU A 325 -0.95 -1.76 -13.41
CA GLU A 325 -1.00 -0.80 -14.51
C GLU A 325 -1.63 -1.37 -15.81
N ARG A 326 -1.14 -2.53 -16.26
CA ARG A 326 -1.68 -3.18 -17.45
C ARG A 326 -3.17 -3.56 -17.28
N PHE A 327 -3.51 -4.09 -16.12
CA PHE A 327 -4.90 -4.43 -15.84
C PHE A 327 -5.79 -3.20 -15.93
N MET A 328 -5.30 -2.05 -15.45
CA MET A 328 -6.08 -0.83 -15.53
C MET A 328 -6.25 -0.36 -16.97
N ALA A 329 -5.22 -0.59 -17.79
CA ALA A 329 -5.28 -0.20 -19.19
C ALA A 329 -6.34 -1.00 -19.93
N LEU A 330 -6.41 -2.30 -19.63
CA LEU A 330 -7.41 -3.15 -20.26
C LEU A 330 -8.81 -2.85 -19.72
N LEU A 331 -8.89 -2.51 -18.44
CA LEU A 331 -10.16 -2.04 -17.89
C LEU A 331 -10.69 -0.83 -18.64
N ILE A 332 -9.84 0.17 -18.83
CA ILE A 332 -10.21 1.37 -19.55
C ILE A 332 -10.52 1.06 -21.03
N ASP A 333 -9.66 0.28 -21.68
CA ASP A 333 -9.93 -0.15 -23.05
C ASP A 333 -11.34 -0.73 -23.20
N SER A 334 -11.79 -1.49 -22.22
CA SER A 334 -13.12 -2.07 -22.33
C SER A 334 -14.23 -1.12 -21.85
N ASN A 335 -14.02 -0.35 -20.78
CA ASN A 335 -15.13 0.44 -20.24
C ASN A 335 -15.17 1.89 -20.71
N GLU A 336 -14.10 2.34 -21.35
CA GLU A 336 -13.97 3.69 -21.90
C GLU A 336 -14.23 4.81 -20.90
N GLY A 337 -13.91 4.60 -19.63
CA GLY A 337 -14.09 5.62 -18.62
C GLY A 337 -15.32 5.38 -17.75
N ARG A 338 -16.18 4.46 -18.17
CA ARG A 338 -17.41 4.14 -17.47
C ARG A 338 -17.13 3.14 -16.34
N TRP A 339 -16.50 3.63 -15.29
CA TRP A 339 -16.17 2.80 -14.12
C TRP A 339 -17.41 2.25 -13.42
N PRO A 340 -17.35 0.99 -12.96
CA PRO A 340 -18.43 0.53 -12.08
C PRO A 340 -18.42 1.40 -10.82
N PHE A 341 -19.54 1.48 -10.11
CA PHE A 341 -19.68 2.38 -8.98
C PHE A 341 -18.54 2.24 -7.98
N TRP A 342 -18.20 1.01 -7.62
CA TRP A 342 -17.29 0.80 -6.50
C TRP A 342 -15.88 1.23 -6.85
N LEU A 343 -15.55 1.29 -8.14
CA LEU A 343 -14.22 1.75 -8.53
C LEU A 343 -14.17 3.25 -8.84
N ASN A 344 -15.33 3.86 -9.03
CA ASN A 344 -15.36 5.16 -9.69
C ASN A 344 -14.84 6.27 -8.80
N PRO A 345 -13.81 7.00 -9.26
CA PRO A 345 -13.35 8.17 -8.49
C PRO A 345 -14.42 9.26 -8.46
N TYR A 346 -15.40 9.14 -9.34
CA TYR A 346 -16.51 10.07 -9.39
C TYR A 346 -17.83 9.33 -9.17
N GLN A 347 -18.19 9.10 -7.92
CA GLN A 347 -19.35 8.26 -7.66
C GLN A 347 -20.69 8.99 -7.74
N ALA A 348 -20.76 10.21 -7.21
CA ALA A 348 -21.97 11.02 -7.39
C ALA A 348 -21.63 12.49 -7.36
N VAL A 349 -22.42 13.26 -8.10
CA VAL A 349 -22.33 14.71 -8.07
C VAL A 349 -23.70 15.25 -7.63
N ILE A 350 -23.70 16.33 -6.87
CA ILE A 350 -24.91 16.91 -6.35
C ILE A 350 -25.06 18.30 -6.94
N ILE A 351 -26.21 18.57 -7.56
CA ILE A 351 -26.45 19.83 -8.25
C ILE A 351 -27.74 20.57 -7.82
N PRO A 352 -27.58 21.73 -7.17
CA PRO A 352 -28.71 22.59 -6.84
C PRO A 352 -29.13 23.45 -8.02
N VAL A 353 -30.43 23.50 -8.31
CA VAL A 353 -30.92 24.27 -9.45
C VAL A 353 -30.58 25.75 -9.27
N ASN A 354 -30.79 26.25 -8.07
CA ASN A 354 -30.51 27.64 -7.72
C ASN A 354 -29.32 27.71 -6.79
N THR A 355 -28.18 28.19 -7.30
CA THR A 355 -26.92 28.07 -6.57
C THR A 355 -26.73 29.07 -5.45
N LYS A 356 -27.65 30.01 -5.30
CA LYS A 356 -27.54 31.00 -4.23
C LYS A 356 -28.75 30.91 -3.28
N ASN A 357 -29.50 29.82 -3.41
CA ASN A 357 -30.64 29.52 -2.55
C ASN A 357 -30.23 28.70 -1.30
N VAL A 358 -30.50 29.24 -0.11
CA VAL A 358 -30.00 28.66 1.13
C VAL A 358 -30.56 27.28 1.44
N GLN A 359 -31.85 27.09 1.23
CA GLN A 359 -32.49 25.81 1.51
C GLN A 359 -32.00 24.67 0.62
N GLN A 360 -31.78 24.98 -0.66
CA GLN A 360 -31.19 23.99 -1.58
C GLN A 360 -29.75 23.65 -1.17
N LEU A 361 -28.93 24.69 -0.97
CA LEU A 361 -27.54 24.53 -0.57
C LEU A 361 -27.40 23.69 0.69
N ASP A 362 -28.23 23.98 1.68
CA ASP A 362 -28.15 23.28 2.96
C ASP A 362 -28.54 21.81 2.80
N MET A 363 -29.49 21.54 1.91
CA MET A 363 -29.87 20.18 1.60
C MET A 363 -28.73 19.45 0.87
N CYS A 364 -28.08 20.15 -0.06
CA CYS A 364 -26.99 19.57 -0.85
C CYS A 364 -25.79 19.27 0.04
N THR A 365 -25.42 20.24 0.86
CA THR A 365 -24.30 20.10 1.77
C THR A 365 -24.49 18.93 2.74
N ALA A 366 -25.65 18.88 3.39
CA ALA A 366 -25.98 17.79 4.30
C ALA A 366 -25.85 16.41 3.64
N LEU A 367 -26.28 16.27 2.40
CA LEU A 367 -26.13 14.98 1.74
C LEU A 367 -24.65 14.68 1.53
N GLN A 368 -23.89 15.71 1.17
CA GLN A 368 -22.48 15.54 0.91
C GLN A 368 -21.72 15.15 2.17
N LYS A 369 -21.99 15.85 3.27
CA LYS A 369 -21.35 15.51 4.55
C LYS A 369 -21.67 14.07 4.95
N LYS A 370 -22.90 13.65 4.70
CA LYS A 370 -23.29 12.29 5.05
C LYS A 370 -22.53 11.23 4.23
N LEU A 371 -22.52 11.39 2.91
CA LEU A 371 -21.95 10.39 2.02
C LEU A 371 -20.41 10.35 2.03
N ARG A 372 -19.76 11.51 2.18
CA ARG A 372 -18.30 11.58 2.26
C ARG A 372 -17.85 11.01 3.61
N ASN A 373 -18.67 11.23 4.63
CA ASN A 373 -18.43 10.67 5.96
C ASN A 373 -17.04 11.08 6.52
N GLU A 374 -16.75 12.36 6.51
CA GLU A 374 -15.43 12.85 6.93
C GLU A 374 -15.45 13.48 8.31
N LEU A 375 -14.30 13.90 8.79
CA LEU A 375 -14.23 14.59 10.09
C LEU A 375 -13.54 15.93 9.92
N GLU A 376 -13.82 16.85 10.82
CA GLU A 376 -13.19 18.17 10.78
C GLU A 376 -11.76 18.10 11.31
N ALA A 377 -10.93 19.00 10.79
CA ALA A 377 -9.52 19.02 11.13
C ALA A 377 -9.23 19.80 12.42
N ASP A 378 -10.25 20.31 13.08
CA ASP A 378 -9.98 21.24 14.18
C ASP A 378 -10.17 20.65 15.58
N ASP A 379 -10.42 19.34 15.66
CA ASP A 379 -10.37 18.70 16.97
C ASP A 379 -9.52 17.43 16.90
N MET A 380 -9.66 16.53 17.88
CA MET A 380 -8.75 15.39 17.95
C MET A 380 -9.40 14.01 17.85
N GLU A 381 -10.69 13.96 17.53
CA GLU A 381 -11.34 12.68 17.23
C GLU A 381 -10.78 12.11 15.92
N PRO A 382 -10.23 10.89 15.98
CA PRO A 382 -9.60 10.35 14.78
C PRO A 382 -10.59 9.55 13.94
N VAL A 383 -10.29 9.42 12.65
CA VAL A 383 -11.11 8.65 11.73
C VAL A 383 -10.99 7.17 12.05
N PRO A 384 -12.12 6.50 12.33
CA PRO A 384 -12.13 5.06 12.63
C PRO A 384 -11.90 4.14 11.42
N LEU A 385 -11.42 2.93 11.70
CA LEU A 385 -11.29 1.88 10.70
C LEU A 385 -12.64 1.34 10.21
N ASN A 386 -12.69 0.95 8.94
CA ASN A 386 -13.82 0.21 8.38
C ASN A 386 -15.13 0.96 8.30
N ASP A 387 -15.08 2.30 8.30
CA ASP A 387 -16.24 3.13 7.94
C ASP A 387 -16.40 3.21 6.43
N TRP A 388 -17.59 3.60 5.97
CA TRP A 388 -17.80 3.86 4.54
C TRP A 388 -17.53 5.32 4.21
N HIS A 389 -16.90 5.56 3.05
CA HIS A 389 -16.67 6.91 2.54
C HIS A 389 -16.90 6.87 1.04
N PHE A 390 -17.72 7.78 0.52
CA PHE A 390 -18.00 7.79 -0.90
C PHE A 390 -17.51 9.07 -1.58
N ASN A 391 -17.22 8.96 -2.88
CA ASN A 391 -16.65 10.05 -3.65
C ASN A 391 -17.74 10.95 -4.23
N VAL A 392 -18.20 11.91 -3.43
CA VAL A 392 -19.33 12.72 -3.77
C VAL A 392 -18.95 14.20 -3.82
N ASP A 393 -19.22 14.84 -4.96
CA ASP A 393 -18.84 16.23 -5.15
C ASP A 393 -20.05 17.18 -5.18
N LEU A 394 -19.80 18.47 -5.07
CA LEU A 394 -20.89 19.41 -5.06
C LEU A 394 -20.67 20.52 -6.07
N ASP A 395 -21.27 20.39 -7.26
CA ASP A 395 -21.12 21.39 -8.32
C ASP A 395 -22.09 22.58 -8.12
N ILE A 396 -21.56 23.64 -7.52
CA ILE A 396 -22.35 24.83 -7.27
C ILE A 396 -21.83 25.99 -8.12
N ARG A 397 -21.13 25.69 -9.20
CA ARG A 397 -20.74 26.70 -10.15
C ARG A 397 -22.00 27.44 -10.62
N ASN A 398 -21.90 28.76 -10.80
CA ASN A 398 -23.07 29.54 -11.20
C ASN A 398 -23.37 29.42 -12.68
N GLU A 399 -23.90 28.26 -13.03
CA GLU A 399 -24.14 27.87 -14.40
C GLU A 399 -25.51 27.23 -14.49
N PRO A 400 -26.16 27.31 -15.66
CA PRO A 400 -27.38 26.54 -15.88
C PRO A 400 -27.18 25.08 -15.52
N VAL A 401 -28.25 24.45 -15.05
CA VAL A 401 -28.24 23.07 -14.62
C VAL A 401 -27.73 22.16 -15.74
N GLY A 402 -28.16 22.40 -16.97
CA GLY A 402 -27.81 21.55 -18.09
C GLY A 402 -26.31 21.54 -18.37
N TYR A 403 -25.67 22.67 -18.12
CA TYR A 403 -24.21 22.79 -18.25
C TYR A 403 -23.49 21.88 -17.27
N ARG A 404 -23.87 21.96 -16.00
CA ARG A 404 -23.21 21.19 -14.96
C ARG A 404 -23.44 19.69 -15.17
N ILE A 405 -24.64 19.36 -15.64
CA ILE A 405 -24.97 17.98 -15.93
C ILE A 405 -24.10 17.45 -17.06
N LYS A 406 -24.01 18.24 -18.13
CA LYS A 406 -23.14 17.95 -19.26
C LYS A 406 -21.71 17.66 -18.79
N SER A 407 -21.21 18.53 -17.92
CA SER A 407 -19.88 18.38 -17.36
C SER A 407 -19.69 17.04 -16.63
N ALA A 408 -20.67 16.67 -15.82
CA ALA A 408 -20.65 15.44 -15.03
C ALA A 408 -20.78 14.19 -15.89
N ILE A 409 -21.54 14.29 -16.98
CA ILE A 409 -21.65 13.16 -17.89
C ILE A 409 -20.31 12.93 -18.59
N LEU A 410 -19.62 14.00 -18.93
CA LEU A 410 -18.32 13.87 -19.58
C LEU A 410 -17.31 13.24 -18.64
N LYS A 411 -17.48 13.44 -17.33
CA LYS A 411 -16.57 12.83 -16.37
C LYS A 411 -17.03 11.44 -15.88
N ASN A 412 -18.19 11.00 -16.37
CA ASN A 412 -18.71 9.66 -16.11
C ASN A 412 -19.06 9.40 -14.64
N TYR A 413 -19.54 10.44 -13.94
CA TYR A 413 -20.16 10.25 -12.63
C TYR A 413 -21.14 9.08 -12.65
N SER A 414 -21.14 8.26 -11.59
CA SER A 414 -22.03 7.12 -11.58
C SER A 414 -23.47 7.59 -11.35
N TYR A 415 -23.63 8.60 -10.51
CA TYR A 415 -24.96 9.10 -10.18
C TYR A 415 -25.03 10.62 -10.25
N LEU A 416 -26.21 11.10 -10.64
CA LEU A 416 -26.50 12.53 -10.72
C LEU A 416 -27.65 12.86 -9.80
N ILE A 417 -27.39 13.74 -8.85
CA ILE A 417 -28.35 14.10 -7.82
C ILE A 417 -28.70 15.57 -7.95
N ILE A 418 -29.95 15.87 -8.26
CA ILE A 418 -30.36 17.25 -8.49
C ILE A 418 -31.26 17.69 -7.36
N VAL A 419 -31.07 18.91 -6.88
CA VAL A 419 -31.90 19.43 -5.80
C VAL A 419 -32.50 20.78 -6.17
N GLY A 420 -33.82 20.81 -6.30
CA GLY A 420 -34.54 22.04 -6.57
C GLY A 420 -35.57 22.26 -5.48
N ASP A 421 -36.48 23.21 -5.72
CA ASP A 421 -37.50 23.53 -4.74
C ASP A 421 -38.43 22.35 -4.52
N GLU A 422 -38.68 21.55 -5.55
CA GLU A 422 -39.50 20.36 -5.40
C GLU A 422 -38.88 19.40 -4.39
N GLU A 423 -37.56 19.28 -4.43
CA GLU A 423 -36.83 18.40 -3.52
C GLU A 423 -36.80 18.93 -2.10
N VAL A 424 -36.69 20.25 -1.96
CA VAL A 424 -36.68 20.88 -0.65
C VAL A 424 -38.02 20.65 0.07
N GLN A 425 -39.11 20.71 -0.70
CA GLN A 425 -40.43 20.40 -0.16
C GLN A 425 -40.55 18.96 0.28
N LEU A 426 -40.12 18.06 -0.59
CA LEU A 426 -40.25 16.63 -0.35
C LEU A 426 -39.22 16.12 0.65
N GLN A 427 -38.12 16.85 0.79
CA GLN A 427 -36.95 16.38 1.54
C GLN A 427 -36.48 15.03 1.00
N LYS A 428 -36.60 14.88 -0.31
CA LYS A 428 -36.03 13.75 -1.02
C LYS A 428 -35.19 14.27 -2.16
N TYR A 429 -34.23 13.51 -2.65
CA TYR A 429 -33.32 13.93 -3.67
C TYR A 429 -33.67 13.23 -4.94
N ASN A 430 -33.45 13.91 -6.05
CA ASN A 430 -33.72 13.35 -7.35
C ASN A 430 -32.44 12.75 -7.92
N ILE A 431 -32.41 11.43 -8.03
CA ILE A 431 -31.16 10.74 -8.36
C ILE A 431 -31.21 9.87 -9.62
N ARG A 432 -30.24 10.10 -10.50
CA ARG A 432 -30.14 9.44 -11.80
C ARG A 432 -28.86 8.63 -11.95
N GLU A 433 -29.02 7.40 -12.42
CA GLU A 433 -27.88 6.56 -12.77
C GLU A 433 -27.24 7.06 -14.06
N ARG A 434 -25.96 6.76 -14.26
CA ARG A 434 -25.22 7.28 -15.41
C ARG A 434 -25.85 6.88 -16.76
N ASP A 435 -26.21 5.62 -16.88
CA ASP A 435 -26.76 5.07 -18.12
C ASP A 435 -28.22 5.51 -18.36
N ASN A 436 -29.06 5.19 -17.38
CA ASN A 436 -30.50 5.35 -17.54
C ASN A 436 -30.99 6.77 -17.32
N ARG A 437 -30.86 7.59 -18.36
CA ARG A 437 -31.26 9.01 -18.32
C ARG A 437 -32.74 9.25 -18.02
N LYS A 438 -33.57 8.24 -18.29
CA LYS A 438 -35.01 8.39 -18.14
C LYS A 438 -35.51 8.06 -16.72
N SER A 439 -35.04 6.96 -16.17
CA SER A 439 -35.61 6.40 -14.95
C SER A 439 -35.11 7.07 -13.66
N PHE A 440 -35.74 8.16 -13.24
CA PHE A 440 -35.35 8.82 -12.00
C PHE A 440 -35.87 8.14 -10.75
N GLU A 441 -35.32 8.55 -9.61
CA GLU A 441 -35.73 8.11 -8.29
C GLU A 441 -35.74 9.27 -7.31
N LYS A 442 -36.64 9.21 -6.37
CA LYS A 442 -36.69 10.14 -5.31
C LYS A 442 -36.40 9.43 -4.01
N LEU A 443 -35.23 9.68 -3.49
CA LEU A 443 -34.78 8.93 -2.33
C LEU A 443 -34.42 9.87 -1.20
N THR A 444 -34.59 9.43 0.04
CA THR A 444 -34.09 10.17 1.19
C THR A 444 -32.57 10.08 1.29
N MET A 445 -31.99 10.93 2.14
CA MET A 445 -30.58 10.85 2.53
C MET A 445 -30.15 9.42 2.88
N SER A 446 -30.86 8.79 3.80
CA SER A 446 -30.44 7.47 4.27
C SER A 446 -30.68 6.37 3.21
N GLN A 447 -31.65 6.56 2.32
CA GLN A 447 -31.83 5.59 1.25
C GLN A 447 -30.63 5.64 0.27
N ILE A 448 -30.06 6.82 0.05
CA ILE A 448 -28.94 6.95 -0.87
C ILE A 448 -27.71 6.35 -0.23
N TRP A 449 -27.52 6.63 1.05
CA TRP A 449 -26.46 6.07 1.87
C TRP A 449 -26.52 4.56 1.81
N GLU A 450 -27.68 4.02 2.13
CA GLU A 450 -27.85 2.57 2.09
C GLU A 450 -27.72 1.98 0.69
N LYS A 451 -28.25 2.66 -0.31
CA LYS A 451 -28.07 2.24 -1.70
C LYS A 451 -26.59 2.15 -2.06
N PHE A 452 -25.82 3.15 -1.68
CA PHE A 452 -24.40 3.21 -2.05
C PHE A 452 -23.59 2.13 -1.33
N ILE A 453 -23.86 1.94 -0.04
CA ILE A 453 -23.23 0.88 0.73
C ILE A 453 -23.46 -0.48 0.09
N GLU A 454 -24.72 -0.76 -0.25
CA GLU A 454 -25.09 -2.00 -0.93
C GLU A 454 -24.35 -2.15 -2.27
N LEU A 455 -24.13 -1.04 -2.96
CA LEU A 455 -23.38 -1.06 -4.22
C LEU A 455 -21.92 -1.46 -4.02
N GLU A 456 -21.29 -0.97 -2.96
CA GLU A 456 -19.89 -1.28 -2.69
C GLU A 456 -19.68 -2.68 -2.14
N LYS A 457 -20.60 -3.13 -1.29
CA LYS A 457 -20.57 -4.49 -0.76
C LYS A 457 -20.56 -5.50 -1.90
N ASN A 458 -21.34 -5.22 -2.94
CA ASN A 458 -21.53 -6.17 -4.03
C ASN A 458 -20.61 -5.96 -5.22
N TYR A 459 -19.60 -5.12 -5.05
CA TYR A 459 -18.69 -4.78 -6.15
C TYR A 459 -19.45 -4.48 -7.46
N LYS A 460 -20.50 -3.66 -7.37
CA LYS A 460 -21.37 -3.37 -8.50
C LYS A 460 -21.18 -1.96 -9.05
N ALA B 34 17.16 -1.03 18.99
CA ALA B 34 18.07 -1.91 18.24
C ALA B 34 18.27 -3.31 18.79
N THR B 35 18.84 -3.43 19.99
CA THR B 35 18.96 -4.62 20.80
C THR B 35 17.58 -5.22 21.04
N MET B 36 16.78 -4.30 21.53
CA MET B 36 15.41 -4.54 21.94
C MET B 36 14.57 -4.86 20.72
N THR B 37 14.75 -4.10 19.66
CA THR B 37 14.08 -4.38 18.40
C THR B 37 14.40 -5.79 17.92
N SER B 38 15.69 -6.12 17.91
CA SER B 38 16.15 -7.42 17.48
C SER B 38 15.59 -8.59 18.30
N MET B 39 15.51 -8.43 19.62
CA MET B 39 14.96 -9.49 20.46
C MET B 39 13.48 -9.69 20.17
N VAL B 40 12.73 -8.58 20.13
CA VAL B 40 11.30 -8.64 19.93
C VAL B 40 11.01 -9.18 18.52
N SER B 41 11.82 -8.78 17.55
CA SER B 41 11.64 -9.24 16.18
C SER B 41 11.82 -10.74 16.09
N GLN B 42 12.82 -11.26 16.79
CA GLN B 42 13.05 -12.70 16.81
C GLN B 42 11.90 -13.45 17.49
N ARG B 43 11.38 -12.90 18.58
CA ARG B 43 10.29 -13.57 19.28
C ARG B 43 8.98 -13.61 18.45
N GLN B 44 8.73 -12.57 17.66
CA GLN B 44 7.45 -12.44 16.98
C GLN B 44 7.59 -12.58 15.46
N ASP B 45 8.78 -12.94 15.00
CA ASP B 45 9.09 -13.07 13.57
C ASP B 45 8.66 -11.84 12.79
N LEU B 46 9.19 -10.68 13.17
CA LEU B 46 8.77 -9.42 12.58
C LEU B 46 9.58 -9.06 11.34
N PHE B 47 10.91 -8.99 11.52
CA PHE B 47 11.79 -8.52 10.47
C PHE B 47 13.01 -9.41 10.24
N MET B 48 13.77 -9.06 9.21
CA MET B 48 14.94 -9.82 8.82
C MET B 48 15.83 -8.91 7.99
N THR B 49 17.15 -9.12 8.04
CA THR B 49 18.07 -8.37 7.21
C THR B 49 18.99 -9.34 6.49
N ASP B 50 19.81 -8.81 5.59
CA ASP B 50 20.70 -9.65 4.80
C ASP B 50 21.78 -8.80 4.15
N PRO B 51 23.02 -9.27 4.20
CA PRO B 51 24.17 -8.54 3.65
C PRO B 51 24.07 -8.32 2.14
N LEU B 52 23.17 -9.02 1.46
CA LEU B 52 22.99 -8.80 0.04
C LEU B 52 22.22 -7.50 -0.24
N SER B 53 21.64 -6.90 0.81
CA SER B 53 21.05 -5.58 0.69
C SER B 53 21.14 -4.79 2.01
N PRO B 54 22.33 -4.31 2.35
CA PRO B 54 22.53 -3.67 3.66
C PRO B 54 21.65 -2.44 3.83
N GLY B 55 20.98 -2.32 4.97
CA GLY B 55 20.24 -1.13 5.29
C GLY B 55 18.82 -1.15 4.75
N SER B 56 18.42 -2.26 4.13
CA SER B 56 17.03 -2.45 3.74
C SER B 56 16.37 -3.46 4.68
N MET B 57 15.11 -3.23 5.03
CA MET B 57 14.36 -4.19 5.84
C MET B 57 13.62 -5.22 5.01
N PHE B 58 13.60 -6.46 5.48
CA PHE B 58 12.55 -7.40 5.08
C PHE B 58 11.49 -7.35 6.16
N PHE B 59 10.24 -7.06 5.79
CA PHE B 59 9.16 -7.29 6.73
C PHE B 59 8.58 -8.67 6.47
N LEU B 60 8.79 -9.58 7.44
CA LEU B 60 8.11 -10.88 7.45
C LEU B 60 6.62 -10.65 7.63
N PRO B 61 5.80 -11.71 7.42
CA PRO B 61 4.34 -11.49 7.49
C PRO B 61 3.86 -10.72 8.72
N ASN B 62 4.39 -11.03 9.90
CA ASN B 62 3.94 -10.33 11.09
C ASN B 62 4.43 -8.90 11.14
N GLY B 63 5.68 -8.66 10.74
CA GLY B 63 6.16 -7.29 10.63
C GLY B 63 5.32 -6.47 9.66
N ALA B 64 4.88 -7.10 8.57
CA ALA B 64 4.21 -6.38 7.51
C ALA B 64 2.80 -6.06 7.95
N LYS B 65 2.26 -6.86 8.87
CA LYS B 65 0.91 -6.60 9.37
C LYS B 65 0.93 -5.30 10.15
N ILE B 66 1.98 -5.10 10.93
CA ILE B 66 2.09 -3.85 11.69
C ILE B 66 2.32 -2.67 10.75
N PHE B 67 3.27 -2.83 9.83
CA PHE B 67 3.58 -1.82 8.82
C PHE B 67 2.29 -1.33 8.14
N ASN B 68 1.50 -2.27 7.63
CA ASN B 68 0.31 -1.96 6.84
C ASN B 68 -0.82 -1.33 7.67
N LYS B 69 -0.94 -1.77 8.92
CA LYS B 69 -1.94 -1.21 9.83
C LYS B 69 -1.63 0.24 10.18
N LEU B 70 -0.36 0.55 10.39
CA LEU B 70 0.04 1.93 10.64
C LEU B 70 -0.25 2.79 9.42
N ILE B 71 0.05 2.28 8.23
CA ILE B 71 -0.20 3.03 7.00
C ILE B 71 -1.69 3.26 6.81
N GLU B 72 -2.45 2.19 7.06
CA GLU B 72 -3.91 2.22 7.02
C GLU B 72 -4.46 3.28 7.96
N PHE B 73 -3.96 3.31 9.19
CA PHE B 73 -4.37 4.35 10.13
C PHE B 73 -4.08 5.74 9.55
N MET B 74 -2.83 5.96 9.14
CA MET B 74 -2.42 7.27 8.67
C MET B 74 -3.20 7.74 7.43
N LYS B 75 -3.51 6.80 6.54
CA LYS B 75 -4.23 7.14 5.32
C LYS B 75 -5.66 7.60 5.64
N LEU B 76 -6.29 6.95 6.61
CA LEU B 76 -7.63 7.37 6.99
C LEU B 76 -7.60 8.79 7.53
N GLN B 77 -6.65 9.11 8.40
CA GLN B 77 -6.58 10.47 8.96
C GLN B 77 -6.32 11.49 7.86
N GLN B 78 -5.39 11.18 6.98
CA GLN B 78 -5.00 12.11 5.91
C GLN B 78 -6.13 12.33 4.88
N LYS B 79 -6.89 11.28 4.59
CA LYS B 79 -7.91 11.39 3.56
C LYS B 79 -9.24 11.89 4.07
N PHE B 80 -9.64 11.50 5.27
CA PHE B 80 -11.01 11.79 5.66
C PHE B 80 -11.08 12.80 6.79
N LYS B 81 -9.95 13.40 7.16
CA LYS B 81 -9.93 14.43 8.20
C LYS B 81 -9.05 15.62 7.83
N PHE B 82 -7.92 15.39 7.18
CA PHE B 82 -6.99 16.49 6.93
C PHE B 82 -6.80 16.86 5.46
N GLY B 83 -7.68 16.36 4.59
CA GLY B 83 -7.75 16.83 3.22
C GLY B 83 -6.54 16.58 2.33
N PHE B 84 -5.89 15.43 2.51
CA PHE B 84 -4.81 15.05 1.61
C PHE B 84 -5.33 14.15 0.48
N ASN B 85 -4.64 14.18 -0.64
CA ASN B 85 -4.91 13.28 -1.75
C ASN B 85 -3.65 12.52 -2.13
N GLU B 86 -3.70 11.19 -2.05
CA GLU B 86 -2.52 10.38 -2.32
C GLU B 86 -2.14 10.31 -3.81
N VAL B 87 -0.83 10.36 -4.06
CA VAL B 87 -0.30 10.19 -5.40
C VAL B 87 0.73 9.07 -5.40
N VAL B 88 0.91 8.44 -6.56
CA VAL B 88 1.95 7.44 -6.74
C VAL B 88 2.88 7.98 -7.82
N THR B 89 4.17 8.06 -7.51
CA THR B 89 5.12 8.77 -8.35
C THR B 89 6.27 7.84 -8.73
N PRO B 90 7.04 8.20 -9.78
CA PRO B 90 8.22 7.40 -10.13
C PRO B 90 9.22 7.27 -8.98
N LEU B 91 10.08 6.25 -9.06
CA LEU B 91 11.21 6.14 -8.14
C LEU B 91 12.49 6.74 -8.72
N ILE B 92 12.66 6.69 -10.03
CA ILE B 92 13.89 7.21 -10.63
C ILE B 92 13.62 8.40 -11.54
N TYR B 93 14.50 9.39 -11.47
CA TYR B 93 14.43 10.54 -12.36
C TYR B 93 15.82 10.85 -12.87
N LYS B 94 15.86 11.44 -14.06
CA LYS B 94 17.11 11.85 -14.68
C LYS B 94 17.83 12.92 -13.87
N LYS B 95 19.17 12.86 -13.94
CA LYS B 95 20.07 13.87 -13.38
C LYS B 95 19.50 15.29 -13.43
N THR B 96 19.07 15.69 -14.62
CA THR B 96 18.50 17.01 -14.88
C THR B 96 17.47 17.47 -13.84
N LEU B 97 16.52 16.58 -13.50
CA LEU B 97 15.55 16.91 -12.46
C LEU B 97 16.25 17.21 -11.14
N TRP B 98 17.19 16.35 -10.77
CA TRP B 98 17.88 16.50 -9.50
C TRP B 98 18.79 17.73 -9.45
N GLU B 99 19.24 18.18 -10.62
CA GLU B 99 20.04 19.41 -10.69
C GLU B 99 19.16 20.63 -10.54
N LYS B 100 17.99 20.61 -11.18
CA LYS B 100 17.00 21.66 -11.02
C LYS B 100 16.51 21.78 -9.56
N SER B 101 16.38 20.66 -8.86
CA SER B 101 15.85 20.72 -7.49
C SER B 101 16.93 21.16 -6.49
N GLY B 102 18.19 20.90 -6.82
CA GLY B 102 19.29 21.25 -5.94
C GLY B 102 19.86 20.05 -5.22
N HIS B 103 19.18 18.91 -5.32
CA HIS B 103 19.62 17.69 -4.64
C HIS B 103 20.93 17.15 -5.18
N TRP B 104 21.20 17.40 -6.46
CA TRP B 104 22.40 16.84 -7.06
C TRP B 104 23.67 17.42 -6.45
N GLU B 105 23.71 18.73 -6.26
CA GLU B 105 24.87 19.34 -5.62
C GLU B 105 24.83 19.05 -4.12
N ASN B 106 23.68 19.32 -3.49
CA ASN B 106 23.56 19.28 -2.04
C ASN B 106 23.44 17.85 -1.43
N TYR B 107 22.52 17.07 -1.92
CA TYR B 107 22.51 15.73 -1.40
C TYR B 107 23.24 14.73 -2.29
N ALA B 108 24.42 15.18 -2.64
CA ALA B 108 25.29 14.45 -3.57
C ALA B 108 25.83 13.17 -2.97
N ASP B 109 26.14 13.20 -1.68
CA ASP B 109 26.71 12.04 -1.00
C ASP B 109 25.65 10.98 -0.78
N ASP B 110 24.45 11.41 -0.40
CA ASP B 110 23.39 10.48 -0.03
C ASP B 110 22.63 9.82 -1.19
N MET B 111 22.88 10.19 -2.44
CA MET B 111 22.07 9.68 -3.53
C MET B 111 22.67 8.45 -4.26
N PHE B 112 21.89 7.37 -4.33
CA PHE B 112 22.22 6.22 -5.19
C PHE B 112 22.04 6.60 -6.66
N LYS B 113 23.01 6.25 -7.51
CA LYS B 113 22.87 6.55 -8.93
C LYS B 113 22.34 5.34 -9.65
N VAL B 114 21.53 5.57 -10.67
CA VAL B 114 21.01 4.50 -11.48
C VAL B 114 21.49 4.67 -12.91
N GLU B 115 21.91 3.56 -13.51
CA GLU B 115 22.39 3.56 -14.88
C GLU B 115 21.83 2.39 -15.67
N THR B 116 21.89 2.50 -16.99
CA THR B 116 21.59 1.35 -17.82
C THR B 116 22.88 0.92 -18.51
N THR B 117 22.78 -0.16 -19.30
CA THR B 117 23.93 -0.69 -20.03
C THR B 117 24.33 0.21 -21.20
N ASP B 118 23.52 1.22 -21.47
CA ASP B 118 23.69 2.05 -22.67
C ASP B 118 24.83 3.07 -22.55
N GLU B 119 24.91 3.74 -21.40
CA GLU B 119 26.04 4.62 -21.05
C GLU B 119 26.21 5.87 -21.93
N GLU B 120 25.40 6.01 -22.98
CA GLU B 120 25.37 7.26 -23.72
C GLU B 120 24.14 8.00 -23.17
N LYS B 121 23.23 7.24 -22.54
CA LYS B 121 22.04 7.84 -21.98
C LYS B 121 22.39 8.64 -20.71
N GLU B 122 21.54 9.60 -20.37
CA GLU B 122 21.73 10.39 -19.16
C GLU B 122 21.54 9.53 -17.91
N GLU B 123 22.36 9.77 -16.90
CA GLU B 123 22.25 9.09 -15.60
C GLU B 123 20.93 9.44 -14.85
N TYR B 124 20.47 8.51 -14.03
CA TYR B 124 19.35 8.72 -13.12
C TYR B 124 19.82 8.74 -11.67
N GLY B 125 19.01 9.35 -10.81
CA GLY B 125 19.14 9.14 -9.39
C GLY B 125 17.89 8.46 -8.83
N LEU B 126 18.10 7.41 -8.04
CA LEU B 126 17.04 6.81 -7.23
C LEU B 126 16.62 7.80 -6.15
N LYS B 127 15.33 8.11 -6.04
CA LYS B 127 14.92 9.24 -5.20
C LYS B 127 15.13 9.08 -3.68
N PRO B 128 15.74 10.10 -3.08
CA PRO B 128 15.86 10.17 -1.62
C PRO B 128 14.71 10.93 -0.98
N MET B 129 13.92 11.65 -1.78
CA MET B 129 12.78 12.47 -1.35
C MET B 129 11.68 12.46 -2.42
N ASN B 130 10.44 12.80 -2.06
CA ASN B 130 9.36 12.90 -3.05
C ASN B 130 9.12 14.30 -3.63
N CYS B 131 9.65 15.32 -2.95
CA CYS B 131 9.33 16.72 -3.26
C CYS B 131 9.37 17.08 -4.78
N PRO B 132 10.48 16.78 -5.48
CA PRO B 132 10.54 17.25 -6.89
C PRO B 132 9.50 16.56 -7.79
N GLY B 133 9.19 15.30 -7.50
CA GLY B 133 8.09 14.64 -8.19
C GLY B 133 6.78 15.38 -7.97
N HIS B 134 6.54 15.82 -6.75
CA HIS B 134 5.33 16.56 -6.44
C HIS B 134 5.32 17.95 -7.10
N CYS B 135 6.50 18.55 -7.31
CA CYS B 135 6.57 19.81 -8.03
C CYS B 135 6.25 19.61 -9.51
N LEU B 136 6.74 18.50 -10.09
CA LEU B 136 6.39 18.16 -11.47
C LEU B 136 4.87 18.03 -11.64
N ILE B 137 4.22 17.31 -10.73
CA ILE B 137 2.75 17.23 -10.74
C ILE B 137 2.09 18.62 -10.64
N PHE B 138 2.51 19.43 -9.67
CA PHE B 138 1.90 20.76 -9.53
C PHE B 138 2.05 21.54 -10.84
N GLY B 139 3.27 21.56 -11.37
CA GLY B 139 3.59 22.39 -12.52
C GLY B 139 3.11 21.85 -13.86
N LYS B 140 2.59 20.64 -13.87
CA LYS B 140 2.24 19.96 -15.11
C LYS B 140 1.00 20.55 -15.77
N LYS B 141 0.10 21.10 -14.98
CA LYS B 141 -1.08 21.75 -15.55
C LYS B 141 -1.36 23.08 -14.86
N ASP B 142 -2.04 23.97 -15.59
CA ASP B 142 -2.46 25.27 -15.07
C ASP B 142 -3.24 25.12 -13.78
N ARG B 143 -2.92 25.94 -12.79
CA ARG B 143 -3.54 25.87 -11.47
C ARG B 143 -4.25 27.17 -11.07
N SER B 144 -5.37 27.02 -10.38
CA SER B 144 -6.16 28.13 -9.90
C SER B 144 -6.08 28.24 -8.38
N TYR B 145 -6.21 29.45 -7.84
CA TYR B 145 -6.18 29.66 -6.40
C TYR B 145 -7.29 28.86 -5.73
N ASN B 146 -8.29 28.49 -6.53
CA ASN B 146 -9.42 27.76 -5.99
C ASN B 146 -9.12 26.30 -5.61
N GLU B 147 -7.98 25.76 -6.04
CA GLU B 147 -7.68 24.40 -5.62
C GLU B 147 -6.69 24.39 -4.44
N LEU B 148 -6.33 25.57 -3.94
CA LEU B 148 -5.40 25.69 -2.79
C LEU B 148 -6.15 25.81 -1.47
N PRO B 149 -5.60 25.24 -0.38
CA PRO B 149 -4.35 24.47 -0.27
C PRO B 149 -4.41 23.15 -1.07
N LEU B 150 -3.33 22.82 -1.78
CA LEU B 150 -3.32 21.61 -2.57
C LEU B 150 -2.37 20.64 -1.88
N ARG B 151 -2.89 19.49 -1.44
CA ARG B 151 -2.15 18.63 -0.53
C ARG B 151 -1.92 17.23 -1.09
N PHE B 152 -0.68 16.87 -1.39
CA PHE B 152 -0.40 15.53 -1.92
C PHE B 152 0.25 14.67 -0.85
N SER B 153 -0.26 13.45 -0.68
CA SER B 153 0.40 12.51 0.22
C SER B 153 1.09 11.48 -0.66
N ASP B 154 2.17 10.87 -0.15
CA ASP B 154 2.97 9.92 -0.91
C ASP B 154 3.65 8.94 0.04
N PHE B 155 3.45 7.63 -0.17
CA PHE B 155 4.04 6.61 0.68
C PHE B 155 5.18 5.82 -0.01
N SER B 156 5.75 6.38 -1.07
CA SER B 156 6.74 5.65 -1.88
C SER B 156 8.04 5.35 -1.11
N PRO B 157 8.65 4.21 -1.42
CA PRO B 157 9.93 3.87 -0.78
C PRO B 157 11.00 4.88 -1.18
N LEU B 158 11.79 5.32 -0.20
CA LEU B 158 12.87 6.26 -0.45
C LEU B 158 14.22 5.59 -0.19
N HIS B 159 15.26 6.01 -0.92
CA HIS B 159 16.61 5.49 -0.69
C HIS B 159 17.59 6.63 -0.41
N ARG B 160 18.36 6.48 0.67
CA ARG B 160 19.48 7.36 0.94
C ARG B 160 20.70 6.53 1.34
N ASN B 161 21.84 6.84 0.76
CA ASN B 161 23.07 6.11 1.01
C ASN B 161 23.75 6.58 2.31
N GLU B 162 23.13 6.26 3.45
CA GLU B 162 23.65 6.69 4.75
C GLU B 162 25.04 6.13 4.97
N ALA B 163 25.86 6.82 5.74
CA ALA B 163 27.17 6.28 6.12
C ALA B 163 26.93 4.94 6.76
N SER B 164 27.71 3.94 6.38
CA SER B 164 27.59 2.60 6.98
C SER B 164 27.67 2.64 8.51
N GLY B 165 28.49 3.55 9.05
CA GLY B 165 28.69 3.62 10.47
C GLY B 165 27.54 4.28 11.22
N ALA B 166 26.62 4.92 10.49
CA ALA B 166 25.45 5.52 11.14
C ALA B 166 24.20 4.65 11.07
N LEU B 167 24.26 3.54 10.32
CA LEU B 167 23.12 2.63 10.22
C LEU B 167 22.81 1.99 11.57
N SER B 168 21.53 1.78 11.86
CA SER B 168 21.11 1.23 13.16
C SER B 168 19.69 0.70 13.09
N GLY B 169 19.54 -0.61 13.22
CA GLY B 169 18.26 -1.30 13.26
C GLY B 169 17.24 -0.77 12.28
N LEU B 170 16.11 -0.30 12.82
CA LEU B 170 15.07 0.34 12.01
C LEU B 170 15.05 1.87 12.14
N THR B 171 15.91 2.44 12.98
CA THR B 171 15.91 3.89 13.16
C THR B 171 16.61 4.62 12.02
N ARG B 172 17.76 4.12 11.60
CA ARG B 172 18.50 4.72 10.47
C ARG B 172 18.77 3.66 9.40
N LEU B 173 18.10 3.78 8.27
CA LEU B 173 18.15 2.79 7.19
C LEU B 173 18.61 3.39 5.86
N ARG B 174 18.85 2.54 4.87
CA ARG B 174 19.17 3.04 3.55
C ARG B 174 17.90 3.07 2.68
N LYS B 175 16.96 2.18 2.98
CA LYS B 175 15.64 2.22 2.38
C LYS B 175 14.55 2.33 3.45
N PHE B 176 13.59 3.23 3.25
CA PHE B 176 12.55 3.42 4.25
C PHE B 176 11.34 4.11 3.62
N HIS B 177 10.19 4.04 4.28
CA HIS B 177 8.98 4.66 3.74
C HIS B 177 8.52 5.85 4.58
N GLN B 178 8.43 7.01 3.96
CA GLN B 178 7.88 8.16 4.63
C GLN B 178 6.37 8.22 4.44
N ASP B 179 5.64 8.65 5.47
CA ASP B 179 4.27 9.09 5.28
C ASP B 179 4.35 10.54 4.87
N ASP B 180 4.76 10.75 3.62
CA ASP B 180 5.16 12.07 3.16
C ASP B 180 3.97 12.89 2.72
N GLY B 181 4.13 14.20 2.74
CA GLY B 181 3.12 15.11 2.22
C GLY B 181 3.73 16.45 1.84
N HIS B 182 3.22 17.04 0.76
CA HIS B 182 3.57 18.41 0.43
C HIS B 182 2.30 19.22 0.21
N ILE B 183 2.24 20.38 0.85
CA ILE B 183 1.13 21.29 0.72
C ILE B 183 1.55 22.50 -0.12
N PHE B 184 0.75 22.84 -1.12
CA PHE B 184 0.95 24.04 -1.91
C PHE B 184 -0.13 25.03 -1.50
N CYS B 185 0.28 26.23 -1.07
CA CYS B 185 -0.70 27.18 -0.55
C CYS B 185 -0.26 28.63 -0.72
N THR B 186 -1.11 29.54 -0.24
CA THR B 186 -0.84 30.97 -0.29
C THR B 186 -0.28 31.45 1.03
N PRO B 187 0.36 32.64 1.05
CA PRO B 187 0.93 33.18 2.29
C PRO B 187 -0.03 33.27 3.45
N SER B 188 -1.28 33.64 3.19
CA SER B 188 -2.24 33.78 4.26
C SER B 188 -2.71 32.40 4.75
N GLN B 189 -2.34 31.36 4.02
CA GLN B 189 -2.74 30.00 4.39
C GLN B 189 -1.66 29.21 5.13
N VAL B 190 -0.44 29.75 5.21
CA VAL B 190 0.68 28.97 5.70
C VAL B 190 0.49 28.60 7.16
N LYS B 191 0.08 29.57 7.98
CA LYS B 191 0.00 29.29 9.42
C LYS B 191 -1.07 28.24 9.73
N SER B 192 -2.24 28.35 9.12
CA SER B 192 -3.32 27.42 9.47
C SER B 192 -3.00 26.02 8.97
N GLU B 193 -2.30 25.93 7.85
CA GLU B 193 -1.88 24.62 7.34
C GLU B 193 -0.85 23.98 8.25
N ILE B 194 0.08 24.78 8.77
CA ILE B 194 1.04 24.25 9.73
C ILE B 194 0.37 23.89 11.06
N PHE B 195 -0.63 24.64 11.50
CA PHE B 195 -1.31 24.30 12.74
C PHE B 195 -2.09 23.00 12.57
N ASN B 196 -2.56 22.75 11.35
CA ASN B 196 -3.29 21.52 11.09
C ASN B 196 -2.34 20.33 11.10
N SER B 197 -1.12 20.52 10.61
CA SER B 197 -0.11 19.46 10.72
C SER B 197 0.24 19.17 12.18
N LEU B 198 0.27 20.21 13.01
CA LEU B 198 0.57 20.04 14.43
C LEU B 198 -0.58 19.35 15.13
N LYS B 199 -1.79 19.52 14.59
CA LYS B 199 -2.96 18.85 15.13
C LYS B 199 -2.87 17.34 14.89
N LEU B 200 -2.53 16.96 13.65
CA LEU B 200 -2.29 15.55 13.33
C LEU B 200 -1.12 14.98 14.16
N ILE B 201 -0.06 15.76 14.33
CA ILE B 201 1.06 15.34 15.18
C ILE B 201 0.56 15.06 16.62
N ASP B 202 -0.30 15.93 17.14
CA ASP B 202 -0.78 15.79 18.50
C ASP B 202 -1.65 14.56 18.67
N ILE B 203 -2.50 14.28 17.69
CA ILE B 203 -3.33 13.08 17.75
C ILE B 203 -2.44 11.85 17.81
N VAL B 204 -1.36 11.87 17.04
CA VAL B 204 -0.47 10.73 17.02
C VAL B 204 0.28 10.59 18.33
N TYR B 205 1.01 11.63 18.73
CA TYR B 205 1.99 11.48 19.80
C TYR B 205 1.40 11.72 21.20
N ASN B 206 0.25 12.37 21.28
CA ASN B 206 -0.36 12.66 22.57
C ASN B 206 -1.57 11.78 22.88
N LYS B 207 -2.25 11.27 21.87
CA LYS B 207 -3.48 10.50 22.08
C LYS B 207 -3.48 9.01 21.63
N ILE B 208 -3.11 8.72 20.39
CA ILE B 208 -3.16 7.32 19.93
C ILE B 208 -1.95 6.51 20.39
N PHE B 209 -0.74 7.06 20.19
CA PHE B 209 0.50 6.39 20.60
C PHE B 209 1.29 7.18 21.66
N PRO B 210 0.71 7.32 22.85
CA PRO B 210 1.36 8.05 23.94
C PRO B 210 2.75 7.50 24.26
N SER B 220 5.70 16.16 28.85
CA SER B 220 5.37 16.23 27.43
C SER B 220 5.98 15.08 26.64
N ASN B 221 5.14 14.54 25.78
CA ASN B 221 5.52 13.53 24.78
C ASN B 221 6.57 13.82 23.69
N TYR B 222 6.76 15.09 23.42
CA TYR B 222 7.79 15.49 22.48
C TYR B 222 8.14 16.97 22.70
N PHE B 223 9.27 17.40 22.14
CA PHE B 223 9.49 18.82 21.94
C PHE B 223 9.90 19.11 20.50
N ILE B 224 9.97 20.38 20.15
CA ILE B 224 10.31 20.80 18.80
C ILE B 224 11.69 21.43 18.69
N ASN B 225 12.51 20.91 17.78
CA ASN B 225 13.73 21.57 17.35
C ASN B 225 13.44 22.57 16.25
N PHE B 226 13.79 23.82 16.48
CA PHE B 226 13.68 24.84 15.45
C PHE B 226 15.00 24.88 14.73
N SER B 227 15.02 24.25 13.55
CA SER B 227 16.26 24.02 12.82
C SER B 227 16.45 25.03 11.71
N THR B 228 17.47 25.87 11.86
CA THR B 228 17.61 27.07 11.03
C THR B 228 18.57 26.87 9.88
N ARG B 229 18.77 27.93 9.10
CA ARG B 229 19.54 27.89 7.85
C ARG B 229 20.92 27.25 7.99
N PRO B 230 21.19 26.18 7.21
CA PRO B 230 22.48 25.47 7.21
C PRO B 230 23.56 26.22 6.46
N ASP B 231 24.80 25.74 6.55
CA ASP B 231 25.93 26.38 5.88
C ASP B 231 25.73 26.38 4.35
N HIS B 232 25.26 25.24 3.83
CA HIS B 232 25.00 25.10 2.39
C HIS B 232 23.50 25.19 2.09
N PHE B 233 23.09 26.30 1.48
CA PHE B 233 21.67 26.51 1.22
C PHE B 233 21.44 27.10 -0.16
N ILE B 234 20.20 26.99 -0.64
CA ILE B 234 19.84 27.63 -1.88
C ILE B 234 18.95 28.81 -1.53
N GLY B 235 18.92 29.80 -2.43
CA GLY B 235 18.04 30.95 -2.28
C GLY B 235 18.65 32.16 -1.62
N ASP B 236 17.82 33.20 -1.50
CA ASP B 236 18.21 34.48 -0.92
C ASP B 236 18.15 34.48 0.60
N LEU B 237 19.17 35.07 1.20
CA LEU B 237 19.15 35.43 2.60
C LEU B 237 17.82 36.07 3.07
N LYS B 238 17.33 37.05 2.32
CA LYS B 238 16.10 37.76 2.69
C LYS B 238 14.86 36.85 2.70
N VAL B 239 14.83 35.87 1.82
CA VAL B 239 13.71 34.94 1.79
C VAL B 239 13.81 33.99 2.99
N TRP B 240 15.01 33.44 3.22
CA TRP B 240 15.28 32.62 4.38
C TRP B 240 14.88 33.30 5.70
N ASN B 241 15.25 34.57 5.88
CA ASN B 241 14.89 35.30 7.10
C ASN B 241 13.37 35.36 7.30
N HIS B 242 12.65 35.64 6.24
CA HIS B 242 11.20 35.65 6.30
C HIS B 242 10.64 34.28 6.67
N ALA B 243 11.23 33.20 6.15
CA ALA B 243 10.74 31.86 6.43
C ALA B 243 10.93 31.48 7.90
N GLU B 244 12.02 31.94 8.47
CA GLU B 244 12.29 31.65 9.88
C GLU B 244 11.40 32.52 10.78
N GLN B 245 11.17 33.76 10.36
CA GLN B 245 10.24 34.64 11.06
C GLN B 245 8.88 33.98 11.23
N VAL B 246 8.39 33.34 10.15
CA VAL B 246 7.06 32.72 10.16
C VAL B 246 7.03 31.53 11.12
N LEU B 247 8.09 30.74 11.12
CA LEU B 247 8.09 29.58 12.01
C LEU B 247 8.23 30.00 13.47
N LYS B 248 9.06 31.01 13.74
CA LYS B 248 9.15 31.59 15.09
C LYS B 248 7.79 32.02 15.65
N GLU B 249 6.97 32.65 14.81
CA GLU B 249 5.68 33.15 15.26
C GLU B 249 4.74 31.98 15.57
N ILE B 250 4.75 30.98 14.70
CA ILE B 250 4.01 29.72 14.91
C ILE B 250 4.42 29.03 16.21
N LEU B 251 5.72 28.93 16.43
CA LEU B 251 6.22 28.33 17.66
C LEU B 251 5.67 29.04 18.89
N GLU B 252 5.66 30.37 18.82
CA GLU B 252 5.11 31.18 19.91
C GLU B 252 3.63 30.91 20.11
N GLU B 253 2.85 30.98 19.02
CA GLU B 253 1.40 30.88 19.12
C GLU B 253 0.96 29.47 19.52
N SER B 254 1.77 28.47 19.19
CA SER B 254 1.42 27.08 19.44
C SER B 254 1.45 26.78 20.93
N GLY B 255 2.32 27.48 21.67
CA GLY B 255 2.45 27.26 23.09
C GLY B 255 3.29 26.04 23.45
N LYS B 256 3.82 25.36 22.43
CA LYS B 256 4.54 24.10 22.67
C LYS B 256 6.01 24.33 23.08
N PRO B 257 6.61 23.35 23.78
CA PRO B 257 8.02 23.46 24.14
C PRO B 257 8.93 23.34 22.93
N TRP B 258 9.95 24.20 22.84
CA TRP B 258 10.85 24.14 21.70
C TRP B 258 12.24 24.67 22.02
N LYS B 259 13.22 24.30 21.21
CA LYS B 259 14.55 24.84 21.36
C LYS B 259 15.21 25.09 20.01
N LEU B 260 16.15 26.01 20.03
CA LEU B 260 16.92 26.36 18.85
C LEU B 260 17.87 25.23 18.49
N ASN B 261 17.93 24.94 17.20
CA ASN B 261 18.81 23.89 16.69
C ASN B 261 19.56 24.48 15.49
N PRO B 262 20.60 25.29 15.74
CA PRO B 262 21.19 26.17 14.74
C PRO B 262 21.89 25.47 13.57
N GLY B 263 21.56 25.90 12.36
CA GLY B 263 22.21 25.43 11.15
C GLY B 263 21.77 24.04 10.72
N ASP B 264 20.66 23.56 11.26
CA ASP B 264 20.22 22.21 11.00
C ASP B 264 19.03 22.12 10.03
N GLY B 265 18.64 23.25 9.45
CA GLY B 265 17.57 23.26 8.47
C GLY B 265 17.91 22.47 7.22
N ALA B 266 16.91 22.20 6.38
CA ALA B 266 17.17 21.60 5.08
C ALA B 266 17.78 22.66 4.18
N PHE B 267 18.42 22.27 3.08
CA PHE B 267 19.03 23.25 2.19
C PHE B 267 18.00 24.16 1.51
N TYR B 268 16.72 23.79 1.58
CA TYR B 268 15.69 24.56 0.90
C TYR B 268 14.74 25.24 1.86
N GLY B 269 14.91 25.00 3.15
CA GLY B 269 14.01 25.58 4.13
C GLY B 269 14.36 25.31 5.59
N PRO B 270 13.95 26.22 6.48
CA PRO B 270 14.03 25.90 7.90
C PRO B 270 12.95 24.89 8.24
N LYS B 271 13.06 24.21 9.37
CA LYS B 271 12.02 23.29 9.79
C LYS B 271 11.80 23.20 11.29
N LEU B 272 10.63 22.67 11.62
CA LEU B 272 10.27 22.26 12.96
C LEU B 272 10.39 20.74 13.02
N ASP B 273 11.34 20.26 13.81
CA ASP B 273 11.61 18.82 13.94
C ASP B 273 11.09 18.29 15.28
N ILE B 274 10.15 17.36 15.21
CA ILE B 274 9.54 16.82 16.42
C ILE B 274 10.44 15.74 17.01
N MET B 275 10.84 15.94 18.27
CA MET B 275 11.82 15.08 18.93
C MET B 275 11.17 14.26 20.05
N VAL B 276 11.33 12.95 19.99
CA VAL B 276 10.82 12.08 21.04
C VAL B 276 12.03 11.44 21.70
N THR B 277 11.87 11.03 22.94
CA THR B 277 13.00 10.53 23.71
C THR B 277 12.82 9.05 23.97
N ASP B 278 13.82 8.23 23.68
CA ASP B 278 13.68 6.79 23.92
C ASP B 278 13.96 6.45 25.40
N HIS B 279 14.02 5.18 25.74
CA HIS B 279 14.01 4.82 27.14
C HIS B 279 15.40 5.04 27.76
N LEU B 280 16.44 5.12 26.91
CA LEU B 280 17.79 5.46 27.36
C LEU B 280 18.08 6.96 27.24
N ARG B 281 17.01 7.75 27.26
CA ARG B 281 17.09 9.21 27.22
C ARG B 281 17.78 9.83 25.98
N LYS B 282 17.84 9.09 24.87
CA LYS B 282 18.36 9.66 23.62
C LYS B 282 17.21 10.20 22.75
N THR B 283 17.42 11.34 22.10
CA THR B 283 16.35 11.97 21.31
C THR B 283 16.38 11.49 19.86
N HIS B 284 15.21 11.44 19.24
CA HIS B 284 15.05 11.01 17.85
C HIS B 284 14.08 11.89 17.10
N GLN B 285 14.48 12.38 15.92
CA GLN B 285 13.59 13.15 15.10
C GLN B 285 12.59 12.28 14.32
N VAL B 286 11.30 12.56 14.50
CA VAL B 286 10.20 11.80 13.89
C VAL B 286 9.34 12.57 12.89
N ALA B 287 8.39 13.36 13.43
CA ALA B 287 7.56 14.21 12.58
C ALA B 287 8.40 15.41 12.23
N THR B 288 8.03 16.10 11.15
CA THR B 288 8.74 17.30 10.74
C THR B 288 7.87 18.16 9.85
N ILE B 289 8.09 19.47 9.93
CA ILE B 289 7.34 20.43 9.16
C ILE B 289 8.33 21.42 8.61
N GLN B 290 8.34 21.60 7.29
CA GLN B 290 9.38 22.35 6.64
C GLN B 290 8.77 23.38 5.72
N LEU B 291 9.23 24.62 5.84
CA LEU B 291 8.64 25.72 5.11
C LEU B 291 9.53 26.07 3.91
N ASP B 292 9.02 25.82 2.72
CA ASP B 292 9.83 25.85 1.52
C ASP B 292 9.38 26.93 0.53
N PHE B 293 10.16 28.01 0.45
CA PHE B 293 9.99 29.04 -0.57
C PHE B 293 10.87 28.74 -1.79
N GLN B 294 11.86 27.88 -1.60
CA GLN B 294 12.92 27.73 -2.60
C GLN B 294 12.60 26.79 -3.78
N LEU B 295 12.02 25.62 -3.50
CA LEU B 295 11.72 24.69 -4.57
C LEU B 295 10.67 25.23 -5.56
N PRO B 296 9.65 25.96 -5.07
CA PRO B 296 8.74 26.57 -6.04
C PRO B 296 9.42 27.54 -7.00
N GLU B 297 10.47 28.22 -6.53
CA GLU B 297 11.23 29.13 -7.37
C GLU B 297 12.04 28.33 -8.36
N ARG B 298 12.68 27.26 -7.88
CA ARG B 298 13.46 26.37 -8.73
C ARG B 298 12.64 25.81 -9.89
N PHE B 299 11.41 25.41 -9.64
CA PHE B 299 10.56 24.80 -10.69
C PHE B 299 9.61 25.82 -11.31
N ASP B 300 9.77 27.08 -10.89
CA ASP B 300 8.93 28.19 -11.31
C ASP B 300 7.44 27.84 -11.32
N LEU B 301 6.96 27.30 -10.22
CA LEU B 301 5.57 26.98 -10.08
C LEU B 301 4.74 28.24 -9.96
N LYS B 302 3.52 28.19 -10.47
CA LYS B 302 2.62 29.32 -10.32
C LYS B 302 1.16 28.91 -10.34
N PHE B 303 0.33 29.71 -9.71
CA PHE B 303 -1.11 29.56 -9.82
C PHE B 303 -1.72 30.91 -10.19
N LYS B 304 -2.98 30.90 -10.55
CA LYS B 304 -3.66 32.12 -10.97
C LYS B 304 -4.59 32.54 -9.87
N ASP B 305 -4.47 33.78 -9.41
CA ASP B 305 -5.28 34.22 -8.27
C ASP B 305 -6.58 34.87 -8.73
N GLN B 306 -7.29 35.50 -7.79
CA GLN B 306 -8.61 36.07 -8.05
C GLN B 306 -8.52 37.23 -9.05
N ASP B 307 -7.35 37.86 -9.09
CA ASP B 307 -7.12 39.03 -9.92
C ASP B 307 -6.56 38.66 -11.28
N ASN B 308 -6.85 37.43 -11.71
CA ASN B 308 -6.41 36.92 -13.00
C ASN B 308 -4.90 37.05 -13.22
N SER B 309 -4.14 36.93 -12.12
CA SER B 309 -2.70 37.15 -12.11
C SER B 309 -1.94 35.91 -11.58
N TYR B 310 -0.68 35.74 -11.99
CA TYR B 310 0.08 34.57 -11.58
C TYR B 310 0.88 34.80 -10.30
N LYS B 311 0.76 33.87 -9.36
CA LYS B 311 1.48 33.96 -8.09
C LYS B 311 2.23 32.67 -7.84
N ARG B 312 3.28 32.74 -7.05
CA ARG B 312 4.05 31.57 -6.71
C ARG B 312 3.53 30.97 -5.42
N PRO B 313 3.25 29.64 -5.42
CA PRO B 313 2.79 28.99 -4.19
C PRO B 313 3.92 28.83 -3.18
N ILE B 314 3.57 28.67 -1.92
CA ILE B 314 4.54 28.27 -0.93
C ILE B 314 4.37 26.77 -0.71
N MET B 315 5.44 26.11 -0.31
CA MET B 315 5.41 24.67 -0.16
C MET B 315 5.69 24.29 1.29
N ILE B 316 4.82 23.49 1.88
CA ILE B 316 5.10 22.88 3.18
C ILE B 316 5.40 21.39 3.05
N HIS B 317 6.57 20.96 3.51
CA HIS B 317 6.92 19.54 3.64
C HIS B 317 6.53 19.06 5.01
N ARG B 318 5.96 17.87 5.09
CA ARG B 318 5.59 17.25 6.31
C ARG B 318 5.49 15.76 6.33
N ALA B 319 5.73 15.24 7.50
CA ALA B 319 5.54 13.83 7.77
C ALA B 319 5.21 13.72 9.24
N THR B 320 4.40 12.73 9.62
CA THR B 320 3.97 12.63 11.00
C THR B 320 4.63 11.47 11.72
N PHE B 321 4.63 10.27 11.13
CA PHE B 321 5.42 9.15 11.66
C PHE B 321 6.90 9.44 11.46
N GLY B 322 7.21 10.27 10.46
CA GLY B 322 8.59 10.47 10.07
C GLY B 322 8.88 9.43 9.00
N SER B 323 9.42 8.29 9.41
CA SER B 323 9.36 7.10 8.56
C SER B 323 8.61 6.00 9.31
N ILE B 324 7.91 5.12 8.59
CA ILE B 324 7.17 4.07 9.29
C ILE B 324 8.15 3.22 10.09
N GLU B 325 9.33 3.01 9.51
CA GLU B 325 10.35 2.19 10.12
C GLU B 325 10.86 2.78 11.45
N ARG B 326 11.26 4.06 11.45
CA ARG B 326 11.77 4.67 12.66
C ARG B 326 10.67 4.72 13.72
N PHE B 327 9.44 4.95 13.26
CA PHE B 327 8.30 5.01 14.16
C PHE B 327 8.03 3.65 14.81
N MET B 328 8.02 2.57 14.02
CA MET B 328 7.92 1.23 14.57
C MET B 328 9.04 0.95 15.60
N ALA B 329 10.25 1.36 15.27
CA ALA B 329 11.40 1.19 16.15
C ALA B 329 11.20 1.84 17.52
N LEU B 330 10.61 3.04 17.52
CA LEU B 330 10.39 3.76 18.78
C LEU B 330 9.20 3.17 19.54
N LEU B 331 8.21 2.65 18.81
CA LEU B 331 7.12 1.92 19.46
C LEU B 331 7.64 0.69 20.22
N ILE B 332 8.50 -0.08 19.55
CA ILE B 332 9.06 -1.29 20.13
C ILE B 332 9.95 -0.95 21.33
N ASP B 333 10.71 0.13 21.20
CA ASP B 333 11.50 0.62 22.29
C ASP B 333 10.60 0.96 23.48
N SER B 334 9.47 1.61 23.22
CA SER B 334 8.54 1.95 24.28
C SER B 334 7.81 0.70 24.83
N ASN B 335 7.27 -0.19 23.98
CA ASN B 335 6.36 -1.21 24.47
C ASN B 335 6.97 -2.61 24.71
N GLU B 336 8.24 -2.78 24.33
CA GLU B 336 8.96 -4.04 24.51
C GLU B 336 8.20 -5.22 23.91
N GLY B 337 7.41 -4.95 22.87
CA GLY B 337 6.76 -6.00 22.12
C GLY B 337 5.32 -6.22 22.53
N ARG B 338 4.87 -5.50 23.56
CA ARG B 338 3.49 -5.62 23.99
C ARG B 338 2.61 -4.63 23.20
N TRP B 339 2.30 -5.02 21.97
CA TRP B 339 1.47 -4.19 21.11
C TRP B 339 0.08 -3.96 21.71
N PRO B 340 -0.47 -2.76 21.49
CA PRO B 340 -1.91 -2.56 21.72
C PRO B 340 -2.68 -3.52 20.84
N PHE B 341 -3.90 -3.93 21.24
CA PHE B 341 -4.66 -4.93 20.50
C PHE B 341 -4.75 -4.67 19.01
N TRP B 342 -5.09 -3.44 18.64
CA TRP B 342 -5.42 -3.13 17.25
C TRP B 342 -4.21 -3.24 16.33
N LEU B 343 -3.02 -3.24 16.93
CA LEU B 343 -1.77 -3.33 16.18
C LEU B 343 -1.15 -4.72 16.25
N ASN B 344 -1.58 -5.51 17.22
CA ASN B 344 -0.90 -6.77 17.52
C ASN B 344 -1.11 -7.81 16.40
N PRO B 345 0.00 -8.32 15.83
CA PRO B 345 -0.07 -9.47 14.92
C PRO B 345 -0.58 -10.71 15.65
N TYR B 346 -0.44 -10.72 16.97
CA TYR B 346 -0.92 -11.83 17.76
C TYR B 346 -2.08 -11.37 18.67
N GLN B 347 -3.30 -11.36 18.13
CA GLN B 347 -4.45 -10.81 18.86
C GLN B 347 -5.05 -11.79 19.88
N ALA B 348 -5.28 -13.04 19.50
CA ALA B 348 -5.75 -14.04 20.48
C ALA B 348 -5.25 -15.41 20.14
N VAL B 349 -5.03 -16.22 21.16
CA VAL B 349 -4.69 -17.62 20.95
C VAL B 349 -5.76 -18.45 21.65
N ILE B 350 -6.15 -19.57 21.05
CA ILE B 350 -7.16 -20.43 21.62
C ILE B 350 -6.53 -21.78 21.98
N ILE B 351 -6.71 -22.18 23.22
CA ILE B 351 -6.02 -23.35 23.75
C ILE B 351 -7.02 -24.34 24.34
N PRO B 352 -7.23 -25.46 23.66
CA PRO B 352 -8.03 -26.57 24.20
C PRO B 352 -7.24 -27.37 25.21
N VAL B 353 -7.83 -27.65 26.37
CA VAL B 353 -7.14 -28.38 27.43
C VAL B 353 -6.80 -29.79 26.95
N ASN B 354 -7.78 -30.43 26.35
CA ASN B 354 -7.60 -31.77 25.83
C ASN B 354 -7.56 -31.73 24.31
N THR B 355 -6.39 -31.97 23.73
CA THR B 355 -6.17 -31.68 22.31
C THR B 355 -6.80 -32.70 21.37
N LYS B 356 -7.40 -33.74 21.92
CA LYS B 356 -8.06 -34.73 21.07
C LYS B 356 -9.54 -34.86 21.40
N ASN B 357 -10.00 -34.09 22.38
CA ASN B 357 -11.42 -34.09 22.71
C ASN B 357 -12.21 -33.31 21.66
N VAL B 358 -13.11 -34.03 21.00
CA VAL B 358 -13.86 -33.51 19.86
C VAL B 358 -14.76 -32.32 20.19
N GLN B 359 -15.40 -32.36 21.35
CA GLN B 359 -16.30 -31.27 21.73
CA GLN B 359 -16.30 -31.27 21.73
C GLN B 359 -15.51 -30.00 22.09
N GLN B 360 -14.30 -30.16 22.62
CA GLN B 360 -13.48 -29.00 22.92
C GLN B 360 -12.89 -28.40 21.63
N LEU B 361 -12.55 -29.25 20.68
CA LEU B 361 -11.99 -28.79 19.42
C LEU B 361 -13.01 -28.02 18.58
N ASP B 362 -14.23 -28.56 18.51
CA ASP B 362 -15.33 -27.94 17.78
C ASP B 362 -15.60 -26.52 18.29
N MET B 363 -15.54 -26.36 19.59
CA MET B 363 -15.77 -25.07 20.19
C MET B 363 -14.60 -24.09 19.90
N CYS B 364 -13.38 -24.60 19.90
CA CYS B 364 -12.23 -23.78 19.53
C CYS B 364 -12.31 -23.37 18.07
N THR B 365 -12.46 -24.37 17.21
CA THR B 365 -12.54 -24.16 15.77
C THR B 365 -13.65 -23.19 15.35
N ALA B 366 -14.81 -23.30 15.96
CA ALA B 366 -15.92 -22.39 15.67
C ALA B 366 -15.60 -20.91 16.00
N LEU B 367 -14.94 -20.68 17.13
CA LEU B 367 -14.55 -19.33 17.51
C LEU B 367 -13.47 -18.77 16.57
N GLN B 368 -12.49 -19.60 16.21
CA GLN B 368 -11.47 -19.17 15.27
C GLN B 368 -12.09 -18.70 13.95
N LYS B 369 -13.05 -19.48 13.44
CA LYS B 369 -13.72 -19.14 12.19
C LYS B 369 -14.51 -17.85 12.31
N LYS B 370 -15.19 -17.68 13.43
CA LYS B 370 -15.93 -16.44 13.68
C LYS B 370 -14.96 -15.24 13.72
N LEU B 371 -13.94 -15.33 14.56
CA LEU B 371 -13.05 -14.20 14.77
C LEU B 371 -12.22 -13.86 13.51
N ARG B 372 -11.71 -14.88 12.83
CA ARG B 372 -10.89 -14.65 11.65
C ARG B 372 -11.78 -14.13 10.53
N ASN B 373 -13.01 -14.65 10.48
CA ASN B 373 -13.98 -14.20 9.46
C ASN B 373 -13.43 -14.30 8.02
N GLU B 374 -12.83 -15.44 7.70
CA GLU B 374 -12.30 -15.70 6.36
C GLU B 374 -13.30 -16.49 5.51
N LEU B 375 -13.10 -16.45 4.19
CA LEU B 375 -13.87 -17.27 3.28
C LEU B 375 -13.03 -18.47 2.81
N GLU B 376 -13.69 -19.46 2.23
CA GLU B 376 -13.00 -20.63 1.71
C GLU B 376 -12.60 -20.44 0.24
N ALA B 377 -11.50 -21.08 -0.13
CA ALA B 377 -10.90 -20.88 -1.45
C ALA B 377 -11.49 -21.77 -2.54
N ASP B 378 -12.59 -22.44 -2.24
CA ASP B 378 -13.10 -23.43 -3.17
C ASP B 378 -14.32 -22.93 -3.96
N ASP B 379 -14.97 -21.87 -3.50
CA ASP B 379 -16.08 -21.30 -4.27
C ASP B 379 -15.76 -19.94 -4.90
N MET B 380 -16.76 -19.31 -5.51
CA MET B 380 -16.55 -18.07 -6.25
C MET B 380 -16.90 -16.80 -5.47
N GLU B 381 -17.33 -16.95 -4.23
CA GLU B 381 -17.74 -15.81 -3.41
C GLU B 381 -16.50 -15.01 -2.98
N PRO B 382 -16.48 -13.70 -3.30
CA PRO B 382 -15.32 -12.87 -2.97
C PRO B 382 -15.39 -12.29 -1.57
N VAL B 383 -14.24 -11.97 -0.99
CA VAL B 383 -14.22 -11.28 0.31
C VAL B 383 -14.71 -9.85 0.14
N PRO B 384 -15.75 -9.46 0.88
CA PRO B 384 -16.32 -8.11 0.79
C PRO B 384 -15.49 -7.04 1.52
N LEU B 385 -15.61 -5.79 1.08
CA LEU B 385 -14.94 -4.64 1.69
C LEU B 385 -15.44 -4.33 3.12
N ASN B 386 -14.55 -3.82 3.95
CA ASN B 386 -14.91 -3.33 5.28
C ASN B 386 -15.49 -4.34 6.27
N ASP B 387 -15.18 -5.62 6.11
CA ASP B 387 -15.52 -6.57 7.18
C ASP B 387 -14.41 -6.54 8.23
N TRP B 388 -14.67 -7.08 9.42
CA TRP B 388 -13.63 -7.23 10.43
C TRP B 388 -12.98 -8.60 10.35
N HIS B 389 -11.69 -8.64 10.65
CA HIS B 389 -10.91 -9.89 10.63
C HIS B 389 -9.88 -9.76 11.71
N PHE B 390 -9.77 -10.77 12.56
CA PHE B 390 -8.84 -10.68 13.68
C PHE B 390 -7.75 -11.75 13.63
N ASN B 391 -6.59 -11.44 14.21
CA ASN B 391 -5.46 -12.35 14.14
C ASN B 391 -5.52 -13.39 15.26
N VAL B 392 -6.24 -14.47 15.00
CA VAL B 392 -6.52 -15.46 16.03
C VAL B 392 -6.03 -16.85 15.64
N ASP B 393 -5.18 -17.41 16.49
CA ASP B 393 -4.57 -18.71 16.26
C ASP B 393 -5.13 -19.77 17.18
N LEU B 394 -5.00 -21.02 16.76
CA LEU B 394 -5.42 -22.16 17.53
C LEU B 394 -4.22 -23.06 17.83
N ASP B 395 -3.74 -23.04 19.07
CA ASP B 395 -2.65 -23.94 19.49
C ASP B 395 -3.17 -25.29 20.00
N ILE B 396 -3.26 -26.26 19.11
CA ILE B 396 -3.66 -27.62 19.47
C ILE B 396 -2.46 -28.56 19.56
N ARG B 397 -1.26 -28.02 19.79
CA ARG B 397 -0.10 -28.88 19.98
C ARG B 397 -0.31 -29.79 21.18
N ASN B 398 0.01 -31.07 21.04
CA ASN B 398 -0.21 -32.04 22.11
C ASN B 398 0.74 -31.85 23.28
N GLU B 399 0.51 -30.76 24.02
CA GLU B 399 1.41 -30.34 25.06
C GLU B 399 0.60 -29.86 26.26
N PRO B 400 1.20 -29.89 27.47
CA PRO B 400 0.51 -29.32 28.64
C PRO B 400 0.06 -27.88 28.43
N VAL B 401 -1.14 -27.57 28.94
CA VAL B 401 -1.73 -26.24 28.83
C VAL B 401 -0.74 -25.15 29.20
N GLY B 402 -0.02 -25.35 30.31
CA GLY B 402 0.96 -24.40 30.79
C GLY B 402 2.10 -24.11 29.81
N TYR B 403 2.51 -25.10 29.03
CA TYR B 403 3.53 -24.88 28.03
C TYR B 403 3.00 -23.98 26.92
N ARG B 404 1.79 -24.26 26.44
CA ARG B 404 1.22 -23.49 25.35
C ARG B 404 0.93 -22.08 25.79
N ILE B 405 0.60 -21.91 27.07
CA ILE B 405 0.36 -20.58 27.61
C ILE B 405 1.66 -19.80 27.73
N LYS B 406 2.71 -20.46 28.21
CA LYS B 406 4.03 -19.81 28.25
C LYS B 406 4.50 -19.40 26.86
N SER B 407 4.29 -20.26 25.87
CA SER B 407 4.61 -19.89 24.49
C SER B 407 3.85 -18.64 24.03
N ALA B 408 2.56 -18.58 24.34
CA ALA B 408 1.75 -17.45 23.90
C ALA B 408 2.14 -16.17 24.64
N ILE B 409 2.51 -16.29 25.91
CA ILE B 409 2.94 -15.14 26.68
C ILE B 409 4.24 -14.56 26.12
N LEU B 410 5.16 -15.42 25.67
CA LEU B 410 6.41 -14.97 25.08
C LEU B 410 6.17 -14.22 23.78
N LYS B 411 5.11 -14.57 23.07
CA LYS B 411 4.77 -13.86 21.85
C LYS B 411 3.90 -12.64 22.11
N ASN B 412 3.55 -12.42 23.38
CA ASN B 412 2.76 -11.22 23.77
C ASN B 412 1.39 -11.14 23.08
N TYR B 413 0.71 -12.28 22.93
CA TYR B 413 -0.70 -12.29 22.56
C TYR B 413 -1.50 -11.33 23.43
N SER B 414 -2.37 -10.53 22.82
CA SER B 414 -3.22 -9.65 23.62
C SER B 414 -4.16 -10.48 24.52
N TYR B 415 -4.70 -11.57 24.00
CA TYR B 415 -5.66 -12.38 24.75
C TYR B 415 -5.38 -13.86 24.69
N LEU B 416 -5.67 -14.55 25.80
CA LEU B 416 -5.50 -16.00 25.90
C LEU B 416 -6.85 -16.63 26.18
N ILE B 417 -7.27 -17.53 25.30
CA ILE B 417 -8.59 -18.12 25.41
C ILE B 417 -8.51 -19.64 25.60
N ILE B 418 -8.95 -20.08 26.76
CA ILE B 418 -8.81 -21.47 27.17
C ILE B 418 -10.14 -22.18 27.06
N VAL B 419 -10.10 -23.39 26.53
CA VAL B 419 -11.32 -24.17 26.47
C VAL B 419 -11.08 -25.53 27.06
N GLY B 420 -11.81 -25.82 28.13
CA GLY B 420 -11.78 -27.14 28.75
C GLY B 420 -13.20 -27.66 28.80
N ASP B 421 -13.43 -28.69 29.61
CA ASP B 421 -14.76 -29.29 29.73
C ASP B 421 -15.77 -28.34 30.36
N GLU B 422 -15.32 -27.56 31.34
CA GLU B 422 -16.13 -26.53 31.96
C GLU B 422 -16.73 -25.57 30.93
N GLU B 423 -15.91 -25.22 29.94
CA GLU B 423 -16.32 -24.26 28.92
C GLU B 423 -17.30 -24.87 27.93
N VAL B 424 -17.17 -26.17 27.68
CA VAL B 424 -18.10 -26.87 26.80
C VAL B 424 -19.48 -26.95 27.45
N GLN B 425 -19.52 -27.22 28.75
CA GLN B 425 -20.80 -27.25 29.45
C GLN B 425 -21.48 -25.88 29.42
N LEU B 426 -20.74 -24.82 29.74
CA LEU B 426 -21.30 -23.46 29.76
C LEU B 426 -21.57 -22.87 28.39
N GLN B 427 -20.86 -23.39 27.37
CA GLN B 427 -20.87 -22.77 26.05
C GLN B 427 -20.38 -21.32 26.13
N LYS B 428 -19.39 -21.09 26.99
CA LYS B 428 -18.72 -19.81 27.10
C LYS B 428 -17.21 -20.08 27.07
N TYR B 429 -16.44 -19.11 26.67
CA TYR B 429 -15.02 -19.23 26.53
C TYR B 429 -14.34 -18.53 27.70
N ASN B 430 -13.27 -19.11 28.21
CA ASN B 430 -12.49 -18.48 29.26
C ASN B 430 -11.41 -17.60 28.67
N ILE B 431 -11.53 -16.29 28.88
CA ILE B 431 -10.67 -15.34 28.19
C ILE B 431 -9.90 -14.43 29.15
N ARG B 432 -8.59 -14.37 28.97
CA ARG B 432 -7.72 -13.65 29.89
C ARG B 432 -6.90 -12.59 29.15
N GLU B 433 -6.77 -11.41 29.78
CA GLU B 433 -5.96 -10.32 29.23
C GLU B 433 -4.48 -10.59 29.40
N ARG B 434 -3.67 -10.06 28.48
CA ARG B 434 -2.22 -10.19 28.58
C ARG B 434 -1.71 -9.46 29.82
N ASP B 435 -2.12 -8.19 29.95
CA ASP B 435 -1.55 -7.29 30.95
C ASP B 435 -2.16 -7.48 32.35
N ASN B 436 -2.76 -8.66 32.58
CA ASN B 436 -3.45 -8.95 33.83
C ASN B 436 -3.73 -10.44 33.98
N LYS B 438 -4.46 -12.54 36.40
CA LYS B 438 -5.27 -12.40 37.61
C LYS B 438 -6.76 -12.51 37.31
N SER B 439 -7.29 -11.53 36.58
CA SER B 439 -8.73 -11.46 36.28
C SER B 439 -9.08 -12.18 34.99
N PHE B 440 -10.08 -13.04 35.06
CA PHE B 440 -10.53 -13.83 33.92
C PHE B 440 -11.96 -13.46 33.59
N GLU B 441 -12.42 -13.84 32.41
CA GLU B 441 -13.78 -13.57 32.04
C GLU B 441 -14.28 -14.76 31.33
N LYS B 442 -15.57 -14.98 31.42
CA LYS B 442 -16.18 -16.00 30.64
C LYS B 442 -17.20 -15.36 29.70
N LEU B 443 -16.93 -15.42 28.42
CA LEU B 443 -17.75 -14.74 27.44
C LEU B 443 -18.21 -15.70 26.38
N THR B 444 -19.35 -15.38 25.77
CA THR B 444 -19.81 -16.10 24.59
C THR B 444 -19.02 -15.70 23.34
N MET B 445 -19.11 -16.55 22.31
CA MET B 445 -18.58 -16.26 21.00
C MET B 445 -18.90 -14.83 20.52
N SER B 446 -20.17 -14.47 20.62
CA SER B 446 -20.67 -13.19 20.16
C SER B 446 -20.11 -12.03 20.99
N GLN B 447 -19.96 -12.24 22.29
CA GLN B 447 -19.40 -11.19 23.14
C GLN B 447 -17.93 -10.92 22.80
N ILE B 448 -17.21 -11.94 22.36
CA ILE B 448 -15.78 -11.79 22.09
C ILE B 448 -15.62 -11.00 20.80
N TRP B 449 -16.36 -11.44 19.78
CA TRP B 449 -16.50 -10.69 18.52
C TRP B 449 -16.72 -9.19 18.78
N GLU B 450 -17.77 -8.85 19.52
CA GLU B 450 -18.08 -7.44 19.75
CA GLU B 450 -18.11 -7.46 19.82
C GLU B 450 -17.00 -6.72 20.59
N LYS B 451 -16.42 -7.43 21.55
CA LYS B 451 -15.33 -6.88 22.34
C LYS B 451 -14.15 -6.49 21.46
N PHE B 452 -13.77 -7.37 20.55
CA PHE B 452 -12.61 -7.12 19.68
C PHE B 452 -12.89 -5.97 18.72
N ILE B 453 -14.12 -5.90 18.23
CA ILE B 453 -14.51 -4.79 17.38
C ILE B 453 -14.41 -3.45 18.12
N GLU B 454 -14.88 -3.39 19.36
CA GLU B 454 -14.79 -2.14 20.12
C GLU B 454 -13.32 -1.73 20.40
N LEU B 455 -12.44 -2.69 20.61
CA LEU B 455 -11.03 -2.40 20.84
C LEU B 455 -10.41 -1.82 19.56
N GLU B 456 -10.72 -2.47 18.43
CA GLU B 456 -10.17 -2.08 17.14
C GLU B 456 -10.72 -0.70 16.73
N LYS B 457 -12.02 -0.50 16.94
CA LYS B 457 -12.68 0.77 16.64
C LYS B 457 -12.04 1.94 17.37
N ASN B 458 -11.82 1.78 18.66
CA ASN B 458 -11.32 2.86 19.50
C ASN B 458 -9.79 2.89 19.59
N TYR B 459 -9.13 2.27 18.60
CA TYR B 459 -7.66 2.15 18.56
C TYR B 459 -7.06 1.74 19.90
N LYS B 460 -7.64 0.74 20.57
CA LYS B 460 -7.17 0.29 21.89
C LYS B 460 -6.55 -1.10 21.87
ZN ZN E . 8.33 -14.71 -9.51
CG2 TSB F . 4.66 -13.64 -11.51
N TSB F . 8.38 -13.62 -11.44
CA TSB F . 7.09 -13.60 -12.04
CB TSB F . 6.03 -13.18 -11.05
OG1 TSB F . 6.29 -13.75 -9.81
C TSB F . 7.05 -12.60 -13.17
O TSB F . 7.56 -11.50 -13.09
N8 TSB F . 6.35 -12.95 -14.33
S1 TSB F . 6.24 -11.89 -15.55
O1S TSB F . 7.60 -11.38 -15.97
O2S TSB F . 5.73 -12.63 -16.77
O5' TSB F . 5.31 -10.76 -15.14
C5' TSB F . 3.93 -11.09 -14.96
C4' TSB F . 2.97 -10.11 -15.53
O4' TSB F . 3.44 -8.55 -15.24
C3' TSB F . 2.88 -10.18 -16.87
O3' TSB F . 1.96 -11.23 -17.30
C2' TSB F . 2.32 -8.79 -17.27
O2' TSB F . 1.01 -8.75 -17.11
C1' TSB F . 3.03 -7.81 -16.23
N9 TSB F . 4.13 -7.11 -16.84
C8 TSB F . 5.30 -7.66 -17.20
N7 TSB F . 6.10 -6.70 -17.71
C5 TSB F . 5.41 -5.49 -17.67
C6 TSB F . 5.73 -4.16 -18.05
N6 TSB F . 6.99 -3.84 -18.64
N1 TSB F . 4.81 -3.19 -17.86
C2 TSB F . 3.61 -3.49 -17.32
N3 TSB F . 3.29 -4.74 -16.94
C4 TSB F . 4.19 -5.76 -17.11
S SO4 G . -22.48 -1.87 7.43
O1 SO4 G . -22.12 -2.51 6.18
O2 SO4 G . -21.33 -1.91 8.34
O3 SO4 G . -22.84 -0.46 7.19
O4 SO4 G . -23.61 -2.57 8.02
S SO4 H . 4.74 -35.37 -0.74
O1 SO4 H . 4.26 -35.77 -2.07
O2 SO4 H . 3.92 -34.29 -0.23
O3 SO4 H . 4.67 -36.50 0.18
O4 SO4 H . 6.12 -34.93 -0.87
S SO4 I . -0.69 -14.99 -28.85
O1 SO4 I . -0.44 -14.53 -30.21
O2 SO4 I . -0.20 -16.36 -28.69
O3 SO4 I . 0.01 -14.12 -27.91
O4 SO4 I . -2.13 -14.97 -28.59
ZN ZN J . 9.63 17.09 0.98
CG2 TSB K . 9.07 15.47 5.03
N TSB K . 11.27 16.16 2.09
CA TSB K . 10.93 16.01 3.46
CB TSB K . 9.59 15.29 3.62
OG1 TSB K . 8.62 15.80 2.72
C TSB K . 11.99 15.15 4.13
O TSB K . 12.53 14.24 3.55
N8 TSB K . 12.35 15.42 5.46
S1 TSB K . 13.47 14.50 6.22
O1S TSB K . 14.77 14.36 5.46
O2S TSB K . 13.92 15.18 7.48
O5' TSB K . 12.84 13.13 6.53
C5' TSB K . 11.76 13.12 7.44
C4' TSB K . 11.84 12.05 8.45
O4' TSB K . 12.24 10.62 7.74
C3' TSB K . 12.78 12.24 9.38
O3' TSB K . 12.24 13.10 10.44
C2' TSB K . 13.04 10.81 9.94
O2' TSB K . 12.17 10.43 10.87
C1' TSB K . 12.88 9.91 8.64
N9 TSB K . 14.16 9.54 8.12
C8 TSB K . 15.05 10.34 7.51
N7 TSB K . 16.12 9.62 7.16
C5 TSB K . 15.93 8.32 7.58
C6 TSB K . 16.69 7.12 7.50
N6 TSB K . 17.98 7.09 6.89
N1 TSB K . 16.18 6.00 8.00
C2 TSB K . 14.97 5.99 8.60
N3 TSB K . 14.22 7.10 8.68
C4 TSB K . 14.69 8.28 8.17
S SO4 L . 21.30 29.98 -5.28
O1 SO4 L . 22.18 29.83 -6.43
O2 SO4 L . 21.95 29.40 -4.11
O3 SO4 L . 21.01 31.40 -5.05
O4 SO4 L . 20.04 29.27 -5.54
#